data_7AH4
#
_entry.id   7AH4
#
_cell.length_a   86.571
_cell.length_b   97.422
_cell.length_c   131.739
_cell.angle_alpha   90.000
_cell.angle_beta   90.000
_cell.angle_gamma   90.000
#
_symmetry.space_group_name_H-M   'P 21 21 21'
#
loop_
_entity.id
_entity.type
_entity.pdbx_description
1 polymer 'Indoleamine 2,3-dioxygenase 1'
2 non-polymer 'PROTOPORPHYRIN IX CONTAINING FE'
3 non-polymer 4-chloranyl-2-(2~{H}-1,2,3-triazol-4-yl)aniline
4 water water
#
_entity_poly.entity_id   1
_entity_poly.type   'polypeptide(L)'
_entity_poly.pdbx_seq_one_letter_code
;MGSSHHHHHHSSGLVPRGSHMASAMENSWTISKEYHIDEEVGFALPNPQENLPDFYNDWMFIAKHLPDLIESGQLRERVE
KLNMLSIDHLTDHKSQRLARLVLGCITMAYVWGKGHGDVRKVLPRNIAVPYCQLSKKLELPPILVYADCVLANWKKKDPN
KPLTYENMDVLFSFRDGDCSKGFFLVSLLVEIAAASAIKVIPTVFKAMQMQERDTLLKALLEIASCLEKALQVFHQIHDH
VNPKAFFSVLRIYLSGWKGNPQLSDGLVYEGFWEDPKEFAGGSAGQSSVFQCFDVLLGIQQTAGGGHAAQFLQDMRRYMP
PAHRNFLCSLESNPSVREFVLSKGDAGLREAYDACVKALVSLRSYHLQIVTKYILIPASQQPKENKTSEDPSKLEAKGTG
GTDLMNFLKTVRSTTEKSLLKEG
;
_entity_poly.pdbx_strand_id   A,B
#
loop_
_chem_comp.id
_chem_comp.type
_chem_comp.name
_chem_comp.formula
HEM non-polymer 'PROTOPORPHYRIN IX CONTAINING FE' 'C34 H32 Fe N4 O4'
RCN non-polymer 4-chloranyl-2-(2~{H}-1,2,3-triazol-4-yl)aniline 'C8 H7 Cl N4'
#
# COMPACT_ATOMS: atom_id res chain seq x y z
N LYS A 33 -11.00 12.48 13.99
CA LYS A 33 -11.75 11.92 12.87
C LYS A 33 -12.03 10.44 13.10
N GLU A 34 -13.15 9.96 12.55
CA GLU A 34 -13.63 8.61 12.84
C GLU A 34 -12.82 7.58 12.03
N TYR A 35 -11.57 7.39 12.45
CA TYR A 35 -10.74 6.32 11.94
C TYR A 35 -10.76 5.09 12.84
N HIS A 36 -11.84 4.90 13.59
CA HIS A 36 -11.95 3.85 14.59
C HIS A 36 -10.80 3.94 15.59
N ILE A 37 -10.60 5.15 16.11
CA ILE A 37 -9.54 5.43 17.09
C ILE A 37 -10.22 6.02 18.32
N ASP A 38 -10.56 5.16 19.27
CA ASP A 38 -11.07 5.64 20.55
C ASP A 38 -10.01 6.48 21.24
N GLU A 39 -10.46 7.47 22.03
CA GLU A 39 -9.50 8.33 22.71
C GLU A 39 -8.94 7.70 23.98
N GLU A 40 -9.58 6.65 24.50
CA GLU A 40 -9.07 5.96 25.68
C GLU A 40 -8.17 4.78 25.31
N VAL A 41 -8.61 3.96 24.36
CA VAL A 41 -7.90 2.73 24.01
C VAL A 41 -7.27 2.80 22.62
N GLY A 42 -7.50 3.86 21.86
CA GLY A 42 -6.85 4.02 20.57
C GLY A 42 -7.32 3.07 19.49
N PHE A 43 -6.42 2.23 19.00
CA PHE A 43 -6.80 1.31 17.93
C PHE A 43 -7.50 0.07 18.42
N ALA A 44 -7.46 -0.19 19.72
CA ALA A 44 -8.22 -1.28 20.28
C ALA A 44 -9.71 -1.05 20.08
N LEU A 45 -10.42 -2.13 19.85
CA LEU A 45 -11.87 -2.07 19.80
C LEU A 45 -12.36 -1.87 21.23
N PRO A 46 -13.04 -0.77 21.55
CA PRO A 46 -13.45 -0.53 22.95
C PRO A 46 -14.50 -1.51 23.40
N ASN A 47 -14.28 -2.13 24.57
CA ASN A 47 -15.11 -3.16 25.17
C ASN A 47 -15.66 -4.13 24.13
N PRO A 48 -14.85 -5.08 23.71
CA PRO A 48 -15.27 -6.03 22.66
C PRO A 48 -16.40 -6.92 23.16
N GLN A 49 -17.19 -7.40 22.21
CA GLN A 49 -18.30 -8.28 22.52
C GLN A 49 -17.79 -9.65 22.92
N GLU A 50 -18.40 -10.22 23.95
CA GLU A 50 -17.97 -11.51 24.47
C GLU A 50 -18.74 -12.67 23.87
N ASN A 51 -19.99 -12.45 23.45
CA ASN A 51 -20.86 -13.52 23.01
C ASN A 51 -21.47 -13.21 21.66
N LEU A 52 -21.54 -14.22 20.81
CA LEU A 52 -22.28 -14.17 19.56
C LEU A 52 -23.74 -14.51 19.84
N PRO A 53 -24.63 -14.31 18.87
CA PRO A 53 -26.00 -14.81 19.03
C PRO A 53 -26.00 -16.32 19.21
N ASP A 54 -27.10 -16.82 19.81
CA ASP A 54 -27.24 -18.26 20.02
C ASP A 54 -27.14 -19.03 18.70
N PHE A 55 -27.42 -18.37 17.59
CA PHE A 55 -27.32 -19.01 16.28
C PHE A 55 -25.91 -19.53 16.01
N TYR A 56 -24.90 -18.95 16.66
CA TYR A 56 -23.51 -19.31 16.43
C TYR A 56 -22.89 -20.05 17.62
N ASN A 57 -23.70 -20.81 18.35
CA ASN A 57 -23.19 -21.50 19.54
C ASN A 57 -22.18 -22.59 19.18
N ASP A 58 -22.31 -23.19 17.99
CA ASP A 58 -21.37 -24.22 17.57
C ASP A 58 -19.99 -23.62 17.33
N TRP A 59 -19.92 -22.41 16.75
CA TRP A 59 -18.65 -21.70 16.68
C TRP A 59 -18.10 -21.43 18.07
N MET A 60 -18.92 -20.82 18.93
CA MET A 60 -18.44 -20.33 20.22
C MET A 60 -17.94 -21.47 21.12
N PHE A 61 -18.54 -22.65 21.00
CA PHE A 61 -18.09 -23.78 21.82
C PHE A 61 -16.69 -24.22 21.42
N ILE A 62 -16.43 -24.37 20.13
CA ILE A 62 -15.12 -24.81 19.66
C ILE A 62 -14.06 -23.79 20.04
N ALA A 63 -14.41 -22.50 19.99
CA ALA A 63 -13.45 -21.46 20.33
C ALA A 63 -13.24 -21.38 21.84
N LYS A 64 -14.32 -21.44 22.62
CA LYS A 64 -14.20 -21.40 24.07
C LYS A 64 -13.35 -22.55 24.60
N HIS A 65 -13.34 -23.68 23.92
CA HIS A 65 -12.69 -24.90 24.41
C HIS A 65 -11.60 -25.38 23.46
N LEU A 66 -10.89 -24.45 22.83
CA LEU A 66 -9.72 -24.82 22.02
C LEU A 66 -8.70 -25.64 22.79
N PRO A 67 -8.21 -25.23 23.97
CA PRO A 67 -7.21 -26.07 24.66
C PRO A 67 -7.71 -27.48 24.97
N ASP A 68 -8.96 -27.61 25.39
CA ASP A 68 -9.49 -28.93 25.73
C ASP A 68 -9.69 -29.78 24.48
N LEU A 69 -10.22 -29.18 23.41
CA LEU A 69 -10.50 -29.95 22.20
C LEU A 69 -9.20 -30.37 21.51
N ILE A 70 -8.19 -29.51 21.51
CA ILE A 70 -6.90 -29.88 20.94
C ILE A 70 -6.24 -30.97 21.79
N GLU A 71 -6.33 -30.84 23.11
CA GLU A 71 -5.66 -31.78 24.00
C GLU A 71 -6.17 -33.20 23.83
N SER A 72 -7.47 -33.34 23.52
CA SER A 72 -8.09 -34.66 23.38
C SER A 72 -8.21 -35.08 21.93
N GLY A 73 -7.50 -34.43 21.02
CA GLY A 73 -7.57 -34.79 19.61
C GLY A 73 -8.97 -34.72 19.02
N GLN A 74 -9.82 -33.87 19.60
CA GLN A 74 -11.22 -33.79 19.18
C GLN A 74 -11.51 -32.54 18.35
N LEU A 75 -10.59 -31.59 18.29
CA LEU A 75 -10.86 -30.31 17.65
C LEU A 75 -11.22 -30.48 16.18
N ARG A 76 -10.33 -31.13 15.42
CA ARG A 76 -10.54 -31.25 13.98
C ARG A 76 -11.84 -31.98 13.67
N GLU A 77 -12.19 -32.97 14.49
CA GLU A 77 -13.45 -33.69 14.29
C GLU A 77 -14.65 -32.77 14.50
N ARG A 78 -14.59 -31.90 15.53
CA ARG A 78 -15.69 -31.00 15.79
C ARG A 78 -15.83 -29.94 14.70
N VAL A 79 -14.70 -29.48 14.15
CA VAL A 79 -14.76 -28.50 13.05
C VAL A 79 -15.39 -29.14 11.82
N GLU A 80 -15.03 -30.39 11.52
CA GLU A 80 -15.54 -31.05 10.31
C GLU A 80 -17.00 -31.43 10.43
N LYS A 81 -17.55 -31.50 11.64
CA LYS A 81 -18.96 -31.78 11.86
C LYS A 81 -19.82 -30.52 11.83
N LEU A 82 -19.22 -29.36 11.58
CA LEU A 82 -19.96 -28.10 11.59
C LEU A 82 -20.85 -27.98 10.37
N ASN A 83 -22.06 -27.45 10.57
CA ASN A 83 -22.87 -26.98 9.47
C ASN A 83 -22.32 -25.63 8.98
N MET A 84 -22.60 -25.32 7.72
CA MET A 84 -22.21 -24.02 7.17
C MET A 84 -23.23 -22.98 7.62
N LEU A 85 -22.83 -22.12 8.56
CA LEU A 85 -23.71 -21.11 9.09
C LEU A 85 -23.56 -19.80 8.31
N SER A 86 -24.65 -19.08 8.17
CA SER A 86 -24.64 -17.80 7.49
C SER A 86 -24.09 -16.71 8.41
N ILE A 87 -23.27 -15.81 7.83
CA ILE A 87 -22.78 -14.66 8.57
C ILE A 87 -23.80 -13.54 8.66
N ASP A 88 -25.00 -13.75 8.10
CA ASP A 88 -25.98 -12.67 8.01
C ASP A 88 -26.46 -12.20 9.38
N HIS A 89 -26.55 -13.10 10.36
CA HIS A 89 -27.05 -12.74 11.68
C HIS A 89 -26.00 -12.03 12.53
N LEU A 90 -24.83 -11.73 11.97
CA LEU A 90 -23.83 -10.90 12.62
C LEU A 90 -24.07 -9.47 12.15
N THR A 91 -24.91 -8.74 12.90
CA THR A 91 -25.42 -7.45 12.43
C THR A 91 -24.41 -6.33 12.66
N ASP A 92 -24.19 -5.97 13.93
CA ASP A 92 -23.34 -4.83 14.23
C ASP A 92 -21.87 -5.17 13.98
N HIS A 93 -21.03 -4.14 14.04
CA HIS A 93 -19.61 -4.30 13.76
C HIS A 93 -18.92 -5.14 14.84
N LYS A 94 -19.27 -4.93 16.11
CA LYS A 94 -18.56 -5.61 17.19
C LYS A 94 -18.82 -7.11 17.18
N SER A 95 -20.05 -7.53 16.87
CA SER A 95 -20.34 -8.96 16.73
C SER A 95 -19.61 -9.56 15.53
N GLN A 96 -19.43 -8.78 14.47
CA GLN A 96 -18.67 -9.24 13.32
C GLN A 96 -17.19 -9.41 13.68
N ARG A 97 -16.64 -8.50 14.49
CA ARG A 97 -15.25 -8.63 14.89
C ARG A 97 -15.04 -9.82 15.80
N LEU A 98 -15.97 -10.05 16.73
CA LEU A 98 -15.88 -11.23 17.58
C LEU A 98 -15.90 -12.51 16.76
N ALA A 99 -16.75 -12.57 15.74
CA ALA A 99 -16.85 -13.78 14.92
C ALA A 99 -15.58 -13.99 14.11
N ARG A 100 -14.96 -12.91 13.62
CA ARG A 100 -13.66 -13.02 12.96
C ARG A 100 -12.62 -13.61 13.91
N LEU A 101 -12.64 -13.16 15.17
CA LEU A 101 -11.72 -13.72 16.17
C LEU A 101 -12.01 -15.19 16.44
N VAL A 102 -13.28 -15.53 16.65
CA VAL A 102 -13.67 -16.91 16.90
C VAL A 102 -13.22 -17.80 15.75
N LEU A 103 -13.59 -17.43 14.52
CA LEU A 103 -13.22 -18.22 13.35
C LEU A 103 -11.72 -18.21 13.11
N GLY A 104 -11.05 -17.10 13.40
CA GLY A 104 -9.61 -17.05 13.22
C GLY A 104 -8.87 -17.99 14.13
N CYS A 105 -9.31 -18.09 15.39
CA CYS A 105 -8.68 -19.00 16.33
C CYS A 105 -8.94 -20.46 15.96
N ILE A 106 -10.18 -20.78 15.57
CA ILE A 106 -10.51 -22.14 15.14
C ILE A 106 -9.67 -22.52 13.93
N THR A 107 -9.50 -21.60 12.98
CA THR A 107 -8.73 -21.88 11.78
C THR A 107 -7.28 -22.22 12.13
N MET A 108 -6.64 -21.39 12.97
CA MET A 108 -5.28 -21.68 13.40
C MET A 108 -5.20 -23.02 14.12
N ALA A 109 -6.16 -23.30 15.00
CA ALA A 109 -6.17 -24.57 15.70
C ALA A 109 -6.36 -25.74 14.74
N TYR A 110 -7.24 -25.59 13.76
CA TYR A 110 -7.46 -26.68 12.81
C TYR A 110 -6.25 -26.90 11.92
N VAL A 111 -5.60 -25.82 11.49
CA VAL A 111 -4.45 -25.95 10.59
C VAL A 111 -3.27 -26.58 11.33
N TRP A 112 -2.93 -26.04 12.50
CA TRP A 112 -1.72 -26.46 13.19
C TRP A 112 -1.91 -27.64 14.13
N GLY A 113 -3.14 -27.88 14.60
CA GLY A 113 -3.39 -29.07 15.41
C GLY A 113 -2.75 -28.98 16.77
N LYS A 114 -2.06 -30.06 17.17
CA LYS A 114 -1.36 -30.08 18.46
C LYS A 114 -0.07 -29.27 18.45
N GLY A 115 0.39 -28.82 17.28
CA GLY A 115 1.55 -27.95 17.21
C GLY A 115 2.88 -28.66 16.99
N HIS A 116 2.88 -29.86 16.40
CA HIS A 116 4.10 -30.63 16.26
C HIS A 116 4.30 -31.14 14.82
N GLY A 117 3.64 -30.54 13.84
CA GLY A 117 3.84 -30.89 12.45
C GLY A 117 2.68 -31.59 11.79
N ASP A 118 1.74 -32.12 12.56
CA ASP A 118 0.53 -32.71 11.99
C ASP A 118 -0.37 -31.58 11.52
N VAL A 119 -0.28 -31.25 10.23
CA VAL A 119 -0.90 -30.06 9.68
C VAL A 119 -1.95 -30.46 8.65
N ARG A 120 -3.00 -29.65 8.55
CA ARG A 120 -4.00 -29.76 7.50
C ARG A 120 -3.82 -28.62 6.51
N LYS A 121 -3.90 -28.95 5.22
CA LYS A 121 -3.71 -27.98 4.15
C LYS A 121 -5.01 -27.50 3.54
N VAL A 122 -6.14 -28.06 3.95
CA VAL A 122 -7.44 -27.71 3.41
C VAL A 122 -8.35 -27.32 4.57
N LEU A 123 -8.92 -26.12 4.50
CA LEU A 123 -9.87 -25.66 5.51
C LEU A 123 -11.27 -26.11 5.10
N PRO A 124 -11.97 -26.89 5.91
CA PRO A 124 -13.28 -27.43 5.51
C PRO A 124 -14.24 -26.31 5.10
N ARG A 125 -15.07 -26.60 4.11
CA ARG A 125 -15.87 -25.55 3.47
C ARG A 125 -16.87 -24.92 4.43
N ASN A 126 -17.34 -25.67 5.44
CA ASN A 126 -18.35 -25.14 6.33
C ASN A 126 -17.81 -24.06 7.26
N ILE A 127 -16.50 -23.96 7.41
CA ILE A 127 -15.90 -22.85 8.13
C ILE A 127 -15.11 -21.92 7.22
N ALA A 128 -14.55 -22.45 6.11
CA ALA A 128 -13.76 -21.61 5.22
C ALA A 128 -14.63 -20.56 4.54
N VAL A 129 -15.85 -20.93 4.15
CA VAL A 129 -16.74 -20.03 3.44
C VAL A 129 -17.18 -18.89 4.36
N PRO A 130 -17.84 -19.13 5.51
CA PRO A 130 -18.27 -17.99 6.34
C PRO A 130 -17.12 -17.14 6.84
N TYR A 131 -15.96 -17.77 7.07
CA TYR A 131 -14.77 -17.01 7.45
C TYR A 131 -14.36 -16.04 6.35
N CYS A 132 -14.26 -16.54 5.11
CA CYS A 132 -13.87 -15.68 3.99
C CYS A 132 -14.95 -14.66 3.66
N GLN A 133 -16.21 -15.00 3.88
CA GLN A 133 -17.29 -14.03 3.66
C GLN A 133 -17.18 -12.88 4.66
N LEU A 134 -17.03 -13.20 5.95
CA LEU A 134 -16.89 -12.17 6.96
C LEU A 134 -15.59 -11.40 6.78
N SER A 135 -14.52 -12.07 6.34
CA SER A 135 -13.25 -11.39 6.12
C SER A 135 -13.37 -10.33 5.03
N LYS A 136 -13.98 -10.68 3.89
CA LYS A 136 -14.15 -9.72 2.81
C LYS A 136 -15.06 -8.57 3.24
N LYS A 137 -16.09 -8.88 4.03
CA LYS A 137 -17.00 -7.84 4.52
C LYS A 137 -16.27 -6.82 5.38
N LEU A 138 -15.20 -7.25 6.07
CA LEU A 138 -14.42 -6.39 6.94
C LEU A 138 -13.07 -5.98 6.36
N GLU A 139 -12.83 -6.31 5.08
CA GLU A 139 -11.62 -5.89 4.37
C GLU A 139 -10.35 -6.40 5.06
N LEU A 140 -10.41 -7.61 5.60
CA LEU A 140 -9.27 -8.26 6.23
C LEU A 140 -9.01 -9.61 5.57
N PRO A 141 -7.75 -10.04 5.51
CA PRO A 141 -7.45 -11.36 4.94
C PRO A 141 -7.97 -12.46 5.85
N PRO A 142 -8.34 -13.63 5.29
CA PRO A 142 -8.88 -14.73 6.11
C PRO A 142 -7.81 -15.50 6.86
N ILE A 143 -7.21 -14.83 7.85
CA ILE A 143 -6.23 -15.43 8.75
C ILE A 143 -6.24 -14.63 10.04
N LEU A 144 -5.87 -15.28 11.14
CA LEU A 144 -5.82 -14.60 12.43
C LEU A 144 -4.83 -13.45 12.37
N VAL A 145 -5.27 -12.26 12.80
CA VAL A 145 -4.53 -11.03 12.63
C VAL A 145 -4.43 -10.32 13.98
N TYR A 146 -3.47 -9.39 14.06
CA TYR A 146 -3.21 -8.69 15.32
C TYR A 146 -4.47 -8.01 15.85
N ALA A 147 -5.25 -7.39 14.97
CA ALA A 147 -6.49 -6.74 15.38
C ALA A 147 -7.51 -7.73 15.92
N ASP A 148 -7.40 -9.01 15.55
CA ASP A 148 -8.27 -10.03 16.12
C ASP A 148 -7.83 -10.42 17.52
N CYS A 149 -6.66 -11.05 17.63
CA CYS A 149 -6.21 -11.69 18.86
C CYS A 149 -5.69 -10.71 19.90
N VAL A 150 -5.62 -9.42 19.61
CA VAL A 150 -5.24 -8.44 20.61
C VAL A 150 -6.36 -7.41 20.77
N LEU A 151 -6.62 -6.65 19.71
CA LEU A 151 -7.52 -5.51 19.81
C LEU A 151 -8.97 -5.92 20.06
N ALA A 152 -9.35 -7.15 19.73
CA ALA A 152 -10.73 -7.62 19.93
C ALA A 152 -10.81 -8.76 20.94
N ASN A 153 -9.74 -9.01 21.69
CA ASN A 153 -9.63 -10.23 22.48
C ASN A 153 -9.38 -9.93 23.95
N TRP A 154 -10.22 -9.10 24.57
CA TRP A 154 -9.99 -8.73 25.96
C TRP A 154 -11.32 -8.36 26.64
N LYS A 155 -11.30 -8.41 27.96
CA LYS A 155 -12.45 -8.05 28.78
C LYS A 155 -11.95 -7.49 30.11
N LYS A 156 -12.72 -6.54 30.66
CA LYS A 156 -12.52 -6.13 32.03
C LYS A 156 -13.08 -7.19 32.97
N LYS A 157 -12.33 -7.52 34.02
CA LYS A 157 -12.88 -8.36 35.07
C LYS A 157 -14.01 -7.63 35.80
N ASP A 158 -13.71 -6.45 36.33
CA ASP A 158 -14.68 -5.58 36.97
C ASP A 158 -14.87 -4.33 36.13
N PRO A 159 -16.06 -4.11 35.57
CA PRO A 159 -16.24 -3.00 34.61
C PRO A 159 -16.08 -1.61 35.22
N ASN A 160 -16.02 -1.48 36.55
CA ASN A 160 -15.85 -0.18 37.19
C ASN A 160 -14.43 0.07 37.67
N LYS A 161 -13.51 -0.86 37.42
CA LYS A 161 -12.09 -0.69 37.71
C LYS A 161 -11.32 -0.38 36.44
N PRO A 162 -10.14 0.24 36.53
CA PRO A 162 -9.43 0.68 35.33
C PRO A 162 -8.86 -0.45 34.48
N LEU A 163 -8.19 -0.08 33.39
CA LEU A 163 -7.64 -1.04 32.43
C LEU A 163 -6.23 -1.42 32.89
N THR A 164 -6.17 -2.32 33.87
CA THR A 164 -4.91 -2.87 34.35
C THR A 164 -4.88 -4.37 34.09
N TYR A 165 -3.65 -4.91 34.00
CA TYR A 165 -3.49 -6.34 33.76
C TYR A 165 -4.27 -7.17 34.78
N GLU A 166 -4.29 -6.72 36.03
CA GLU A 166 -4.98 -7.45 37.10
C GLU A 166 -6.50 -7.46 36.91
N ASN A 167 -7.03 -6.48 36.18
CA ASN A 167 -8.47 -6.37 35.95
C ASN A 167 -8.87 -6.83 34.54
N MET A 168 -8.03 -7.61 33.87
CA MET A 168 -8.28 -7.93 32.48
C MET A 168 -8.04 -9.41 32.20
N ASP A 169 -8.73 -9.90 31.17
CA ASP A 169 -8.64 -11.27 30.71
C ASP A 169 -8.74 -11.27 29.20
N VAL A 170 -8.18 -12.31 28.57
CA VAL A 170 -8.40 -12.53 27.16
C VAL A 170 -9.66 -13.38 27.00
N LEU A 171 -10.21 -13.37 25.78
CA LEU A 171 -11.42 -14.13 25.51
C LEU A 171 -11.14 -15.53 25.01
N PHE A 172 -10.01 -15.74 24.33
CA PHE A 172 -9.71 -17.03 23.71
C PHE A 172 -8.22 -17.34 23.82
N SER A 173 -7.92 -18.62 23.95
CA SER A 173 -6.54 -19.11 24.04
C SER A 173 -6.42 -20.38 23.21
N PHE A 174 -5.18 -20.76 22.92
CA PHE A 174 -4.93 -21.94 22.08
C PHE A 174 -4.71 -23.19 22.93
N ARG A 175 -3.69 -23.16 23.77
CA ARG A 175 -3.38 -24.29 24.64
C ARG A 175 -3.22 -23.81 26.07
N ASP A 176 -3.34 -24.73 27.01
CA ASP A 176 -3.13 -24.40 28.41
C ASP A 176 -1.66 -24.05 28.65
N GLY A 177 -1.43 -22.95 29.36
CA GLY A 177 -0.08 -22.50 29.60
C GLY A 177 0.63 -21.93 28.39
N ASP A 178 -0.12 -21.49 27.37
CA ASP A 178 0.52 -20.86 26.22
C ASP A 178 0.87 -19.41 26.45
N CYS A 179 0.55 -18.87 27.64
CA CYS A 179 0.84 -17.48 28.00
C CYS A 179 0.22 -16.50 27.01
N SER A 180 -0.91 -16.89 26.41
CA SER A 180 -1.58 -16.00 25.47
C SER A 180 -2.15 -14.79 26.19
N LYS A 181 -2.63 -14.98 27.42
CA LYS A 181 -3.10 -13.83 28.21
C LYS A 181 -1.97 -12.84 28.44
N GLY A 182 -0.78 -13.33 28.81
CA GLY A 182 0.34 -12.43 29.03
C GLY A 182 0.77 -11.72 27.76
N PHE A 183 0.89 -12.47 26.66
CA PHE A 183 1.40 -11.89 25.42
C PHE A 183 0.39 -10.91 24.83
N PHE A 184 -0.89 -11.30 24.78
CA PHE A 184 -1.89 -10.44 24.17
C PHE A 184 -2.16 -9.19 25.02
N LEU A 185 -2.36 -9.37 26.33
CA LEU A 185 -2.77 -8.25 27.17
C LEU A 185 -1.64 -7.23 27.35
N VAL A 186 -0.40 -7.70 27.50
CA VAL A 186 0.72 -6.76 27.63
C VAL A 186 0.86 -5.93 26.38
N SER A 187 0.76 -6.57 25.20
CA SER A 187 0.75 -5.82 23.95
C SER A 187 -0.38 -4.81 23.91
N LEU A 188 -1.56 -5.21 24.41
CA LEU A 188 -2.70 -4.30 24.42
C LEU A 188 -2.48 -3.12 25.35
N LEU A 189 -1.91 -3.37 26.52
CA LEU A 189 -1.66 -2.30 27.48
C LEU A 189 -0.59 -1.34 26.96
N VAL A 190 0.43 -1.86 26.28
CA VAL A 190 1.40 -0.99 25.60
C VAL A 190 0.71 -0.15 24.54
N GLU A 191 -0.19 -0.77 23.77
CA GLU A 191 -0.90 -0.04 22.72
C GLU A 191 -1.79 1.05 23.29
N ILE A 192 -2.47 0.77 24.41
CA ILE A 192 -3.33 1.78 25.02
C ILE A 192 -2.51 2.95 25.53
N ALA A 193 -1.36 2.67 26.15
CA ALA A 193 -0.48 3.73 26.61
C ALA A 193 -0.04 4.62 25.45
N ALA A 194 0.40 4.02 24.35
CA ALA A 194 0.78 4.79 23.17
C ALA A 194 -0.41 5.54 22.57
N ALA A 195 -1.63 5.03 22.79
CA ALA A 195 -2.80 5.62 22.17
C ALA A 195 -3.09 7.02 22.70
N SER A 196 -2.79 7.28 23.98
CA SER A 196 -3.03 8.59 24.55
C SER A 196 -2.19 9.69 23.90
N ALA A 197 -1.16 9.31 23.12
CA ALA A 197 -0.42 10.29 22.34
C ALA A 197 -1.09 10.59 21.00
N ILE A 198 -2.00 9.73 20.56
CA ILE A 198 -2.62 9.89 19.24
C ILE A 198 -3.63 11.04 19.26
N LYS A 199 -4.35 11.20 20.36
CA LYS A 199 -5.27 12.33 20.48
C LYS A 199 -4.55 13.67 20.42
N VAL A 200 -3.23 13.68 20.62
CA VAL A 200 -2.43 14.88 20.50
C VAL A 200 -2.00 15.15 19.05
N ILE A 201 -2.03 14.12 18.19
CA ILE A 201 -1.52 14.29 16.82
C ILE A 201 -2.21 15.41 16.06
N PRO A 202 -3.53 15.58 16.09
CA PRO A 202 -4.13 16.73 15.39
C PRO A 202 -3.67 18.07 15.93
N THR A 203 -3.35 18.15 17.23
CA THR A 203 -2.79 19.39 17.78
C THR A 203 -1.47 19.74 17.10
N VAL A 204 -0.70 18.72 16.72
CA VAL A 204 0.59 18.95 16.05
C VAL A 204 0.38 19.65 14.72
N PHE A 205 -0.43 19.04 13.84
CA PHE A 205 -0.60 19.57 12.49
C PHE A 205 -1.34 20.90 12.49
N LYS A 206 -2.28 21.09 13.42
CA LYS A 206 -2.94 22.39 13.53
C LYS A 206 -1.94 23.48 13.93
N ALA A 207 -1.08 23.17 14.90
CA ALA A 207 -0.11 24.16 15.37
C ALA A 207 0.89 24.53 14.28
N MET A 208 1.30 23.56 13.47
CA MET A 208 2.16 23.84 12.32
C MET A 208 1.48 24.81 11.36
N GLN A 209 0.20 24.58 11.07
CA GLN A 209 -0.53 25.45 10.14
C GLN A 209 -0.76 26.83 10.75
N MET A 210 -1.18 26.88 12.02
CA MET A 210 -1.42 28.15 12.68
C MET A 210 -0.13 28.84 13.12
N GLN A 211 1.02 28.21 12.92
CA GLN A 211 2.31 28.73 13.36
C GLN A 211 2.26 29.10 14.84
N GLU A 212 1.87 28.12 15.65
CA GLU A 212 1.76 28.27 17.10
C GLU A 212 2.90 27.47 17.71
N ARG A 213 4.02 28.15 17.95
CA ARG A 213 5.25 27.46 18.37
C ARG A 213 5.08 26.78 19.72
N ASP A 214 4.60 27.53 20.71
CA ASP A 214 4.46 26.97 22.06
C ASP A 214 3.50 25.79 22.08
N THR A 215 2.41 25.88 21.31
CA THR A 215 1.46 24.78 21.23
C THR A 215 2.14 23.52 20.68
N LEU A 216 2.91 23.67 19.59
CA LEU A 216 3.57 22.52 18.99
C LEU A 216 4.59 21.91 19.92
N LEU A 217 5.36 22.74 20.64
CA LEU A 217 6.35 22.24 21.58
C LEU A 217 5.70 21.38 22.66
N LYS A 218 4.59 21.88 23.23
CA LYS A 218 3.88 21.13 24.27
C LYS A 218 3.40 19.79 23.74
N ALA A 219 2.86 19.77 22.51
CA ALA A 219 2.33 18.53 21.94
C ALA A 219 3.41 17.48 21.77
N LEU A 220 4.58 17.89 21.28
CA LEU A 220 5.66 16.94 21.02
C LEU A 220 6.16 16.32 22.32
N LEU A 221 6.42 17.14 23.33
CA LEU A 221 6.81 16.62 24.64
C LEU A 221 5.76 15.67 25.20
N GLU A 222 4.49 16.00 25.01
CA GLU A 222 3.41 15.12 25.47
C GLU A 222 3.45 13.77 24.76
N ILE A 223 3.75 13.77 23.46
CA ILE A 223 3.83 12.52 22.70
C ILE A 223 5.00 11.68 23.19
N ALA A 224 6.17 12.30 23.34
CA ALA A 224 7.33 11.60 23.87
C ALA A 224 7.07 11.06 25.27
N SER A 225 6.30 11.79 26.07
CA SER A 225 5.92 11.30 27.40
C SER A 225 5.12 10.00 27.28
N CYS A 226 4.10 9.99 26.42
CA CYS A 226 3.27 8.80 26.27
C CYS A 226 4.09 7.61 25.74
N LEU A 227 4.97 7.87 24.76
CA LEU A 227 5.81 6.80 24.24
C LEU A 227 6.78 6.28 25.30
N GLU A 228 7.25 7.16 26.19
CA GLU A 228 8.12 6.71 27.27
C GLU A 228 7.34 5.94 28.33
N LYS A 229 6.08 6.30 28.54
CA LYS A 229 5.23 5.50 29.44
C LYS A 229 4.96 4.12 28.85
N ALA A 230 4.78 4.04 27.53
CA ALA A 230 4.53 2.75 26.90
C ALA A 230 5.69 1.79 27.08
N LEU A 231 6.92 2.32 27.14
CA LEU A 231 8.08 1.49 27.40
C LEU A 231 8.02 0.88 28.80
N GLN A 232 7.54 1.65 29.77
CA GLN A 232 7.43 1.13 31.14
C GLN A 232 6.35 0.07 31.23
N VAL A 233 5.25 0.24 30.49
CA VAL A 233 4.23 -0.81 30.42
C VAL A 233 4.81 -2.08 29.80
N PHE A 234 5.69 -1.90 28.81
CA PHE A 234 6.32 -3.03 28.13
C PHE A 234 7.08 -3.93 29.11
N HIS A 235 7.59 -3.36 30.21
CA HIS A 235 8.38 -4.13 31.16
C HIS A 235 7.58 -5.31 31.74
N GLN A 236 6.25 -5.20 31.77
CA GLN A 236 5.42 -6.23 32.39
C GLN A 236 5.56 -7.59 31.72
N ILE A 237 6.12 -7.65 30.51
CA ILE A 237 6.05 -8.88 29.72
C ILE A 237 6.85 -10.01 30.36
N HIS A 238 7.89 -9.66 31.15
CA HIS A 238 8.69 -10.70 31.79
C HIS A 238 7.90 -11.41 32.89
N ASP A 239 6.91 -10.74 33.49
CA ASP A 239 6.15 -11.35 34.57
C ASP A 239 5.11 -12.35 34.06
N HIS A 240 4.57 -12.13 32.87
CA HIS A 240 3.41 -12.88 32.40
C HIS A 240 3.67 -13.78 31.21
N VAL A 241 4.82 -13.67 30.55
CA VAL A 241 5.16 -14.52 29.42
C VAL A 241 6.44 -15.25 29.72
N ASN A 242 6.41 -16.58 29.55
CA ASN A 242 7.52 -17.50 29.75
C ASN A 242 8.18 -17.80 28.40
N PRO A 243 9.52 -17.74 28.30
CA PRO A 243 10.16 -17.95 26.99
C PRO A 243 9.86 -19.29 26.36
N LYS A 244 9.92 -20.38 27.14
CA LYS A 244 9.59 -21.69 26.60
C LYS A 244 8.14 -21.75 26.14
N ALA A 245 7.23 -21.15 26.92
CA ALA A 245 5.82 -21.17 26.56
C ALA A 245 5.58 -20.46 25.23
N PHE A 246 6.18 -19.28 25.05
CA PHE A 246 5.97 -18.54 23.81
C PHE A 246 6.59 -19.27 22.62
N PHE A 247 7.86 -19.67 22.74
CA PHE A 247 8.60 -20.13 21.58
C PHE A 247 8.04 -21.45 21.04
N SER A 248 7.78 -22.41 21.93
CA SER A 248 7.39 -23.75 21.49
C SER A 248 5.88 -23.93 21.34
N VAL A 249 5.07 -23.04 21.91
CA VAL A 249 3.62 -23.22 21.89
C VAL A 249 2.95 -22.05 21.18
N LEU A 250 3.01 -20.86 21.78
CA LEU A 250 2.23 -19.73 21.28
C LEU A 250 2.70 -19.30 19.90
N ARG A 251 4.00 -19.35 19.65
CA ARG A 251 4.53 -18.93 18.36
C ARG A 251 4.03 -19.82 17.23
N ILE A 252 3.75 -21.09 17.53
CA ILE A 252 3.29 -22.02 16.50
C ILE A 252 1.91 -21.62 15.98
N TYR A 253 0.97 -21.36 16.89
CA TYR A 253 -0.40 -21.08 16.49
C TYR A 253 -0.56 -19.72 15.85
N LEU A 254 0.42 -18.82 16.02
CA LEU A 254 0.37 -17.52 15.36
C LEU A 254 1.02 -17.54 13.98
N SER A 255 1.67 -18.64 13.60
CA SER A 255 2.31 -18.74 12.31
C SER A 255 1.27 -18.74 11.19
N GLY A 256 1.68 -18.26 10.01
CA GLY A 256 0.85 -18.22 8.85
C GLY A 256 1.25 -19.22 7.80
N TRP A 257 0.74 -19.02 6.58
CA TRP A 257 1.06 -19.87 5.44
C TRP A 257 1.44 -19.01 4.24
N LYS A 258 2.49 -18.21 4.42
CA LYS A 258 3.09 -17.42 3.33
C LYS A 258 4.59 -17.57 3.45
N GLY A 259 5.18 -18.34 2.54
CA GLY A 259 6.59 -18.66 2.68
C GLY A 259 6.88 -19.65 3.79
N ASN A 260 5.88 -20.43 4.20
CA ASN A 260 6.06 -21.44 5.23
C ASN A 260 6.23 -22.79 4.57
N PRO A 261 7.35 -23.48 4.79
CA PRO A 261 7.55 -24.78 4.12
C PRO A 261 6.52 -25.83 4.50
N GLN A 262 5.96 -25.75 5.70
CA GLN A 262 4.95 -26.71 6.11
C GLN A 262 3.71 -26.65 5.22
N LEU A 263 3.37 -25.45 4.73
CA LEU A 263 2.31 -25.25 3.73
C LEU A 263 2.94 -24.41 2.62
N SER A 264 3.73 -25.06 1.76
CA SER A 264 4.51 -24.33 0.77
C SER A 264 3.62 -23.59 -0.23
N ASP A 265 2.45 -24.13 -0.53
CA ASP A 265 1.56 -23.53 -1.52
C ASP A 265 0.42 -22.74 -0.89
N GLY A 266 0.35 -22.67 0.43
CA GLY A 266 -0.71 -21.96 1.09
C GLY A 266 -1.78 -22.88 1.65
N LEU A 267 -2.94 -22.29 1.93
CA LEU A 267 -4.07 -23.00 2.52
C LEU A 267 -5.26 -22.91 1.58
N VAL A 268 -5.91 -24.06 1.35
CA VAL A 268 -7.10 -24.11 0.50
C VAL A 268 -8.31 -23.69 1.32
N TYR A 269 -8.92 -22.58 0.95
CA TYR A 269 -10.20 -22.17 1.54
C TYR A 269 -11.33 -22.82 0.74
N GLU A 270 -11.47 -24.13 0.97
CA GLU A 270 -12.40 -24.95 0.22
C GLU A 270 -13.80 -24.34 0.21
N GLY A 271 -14.40 -24.28 -0.98
CA GLY A 271 -15.69 -23.68 -1.16
C GLY A 271 -15.67 -22.20 -1.51
N PHE A 272 -14.57 -21.51 -1.23
CA PHE A 272 -14.46 -20.09 -1.52
C PHE A 272 -13.46 -19.77 -2.63
N TRP A 273 -12.36 -20.51 -2.70
CA TRP A 273 -11.40 -20.37 -3.79
C TRP A 273 -10.97 -21.75 -4.25
N GLU A 274 -10.69 -21.87 -5.55
CA GLU A 274 -10.19 -23.14 -6.07
C GLU A 274 -8.77 -23.40 -5.61
N ASP A 275 -7.92 -22.40 -5.65
CA ASP A 275 -6.50 -22.62 -5.41
C ASP A 275 -6.09 -22.13 -4.01
N PRO A 276 -5.04 -22.73 -3.44
CA PRO A 276 -4.59 -22.30 -2.12
C PRO A 276 -3.97 -20.92 -2.13
N LYS A 277 -4.27 -20.13 -1.11
CA LYS A 277 -3.81 -18.76 -1.01
C LYS A 277 -2.84 -18.61 0.15
N GLU A 278 -1.81 -17.79 -0.06
CA GLU A 278 -0.81 -17.52 0.97
C GLU A 278 -1.18 -16.28 1.76
N PHE A 279 -1.01 -16.36 3.09
CA PHE A 279 -1.28 -15.23 3.97
C PHE A 279 -0.31 -15.28 5.14
N ALA A 280 0.19 -14.10 5.52
CA ALA A 280 1.21 -14.01 6.55
C ALA A 280 0.58 -14.13 7.94
N GLY A 281 1.30 -14.76 8.85
CA GLY A 281 0.85 -14.88 10.22
C GLY A 281 0.88 -13.55 10.95
N GLY A 282 0.36 -13.57 12.18
CA GLY A 282 0.24 -12.37 12.96
C GLY A 282 1.59 -11.74 13.29
N SER A 283 1.56 -10.44 13.51
CA SER A 283 2.73 -9.65 13.85
C SER A 283 2.27 -8.29 14.35
N ALA A 284 2.99 -7.74 15.34
CA ALA A 284 2.64 -6.40 15.81
C ALA A 284 2.83 -5.35 14.73
N GLY A 285 3.58 -5.66 13.67
CA GLY A 285 3.62 -4.78 12.51
C GLY A 285 2.25 -4.53 11.91
N GLN A 286 1.28 -5.40 12.18
CA GLN A 286 -0.12 -5.19 11.80
C GLN A 286 -0.86 -4.25 12.75
N SER A 287 -0.15 -3.66 13.72
CA SER A 287 -0.72 -2.64 14.58
C SER A 287 -0.35 -1.27 14.03
N SER A 288 -1.35 -0.40 13.90
CA SER A 288 -1.11 0.88 13.24
C SER A 288 -0.59 1.95 14.19
N VAL A 289 -0.72 1.77 15.51
CA VAL A 289 -0.04 2.67 16.44
C VAL A 289 1.46 2.53 16.30
N PHE A 290 1.95 1.33 16.01
CA PHE A 290 3.37 1.02 15.95
C PHE A 290 3.99 1.39 14.61
N GLN A 291 3.20 1.89 13.66
CA GLN A 291 3.71 2.47 12.44
C GLN A 291 3.45 3.98 12.33
N CYS A 292 2.46 4.51 13.04
CA CYS A 292 2.04 5.90 12.82
C CYS A 292 3.05 6.90 13.36
N PHE A 293 3.79 6.54 14.42
CA PHE A 293 4.76 7.47 14.97
C PHE A 293 5.97 7.64 14.05
N ASP A 294 6.35 6.58 13.34
CA ASP A 294 7.36 6.74 12.28
C ASP A 294 6.85 7.67 11.20
N VAL A 295 5.57 7.53 10.83
CA VAL A 295 4.98 8.40 9.81
C VAL A 295 4.90 9.83 10.31
N LEU A 296 4.42 10.01 11.54
CA LEU A 296 4.26 11.35 12.11
C LEU A 296 5.58 12.09 12.15
N LEU A 297 6.67 11.39 12.48
CA LEU A 297 7.97 12.00 12.69
C LEU A 297 8.85 11.97 11.45
N GLY A 298 8.30 11.60 10.30
CA GLY A 298 9.09 11.58 9.08
C GLY A 298 10.16 10.52 9.03
N ILE A 299 10.06 9.49 9.86
CA ILE A 299 11.00 8.37 9.82
C ILE A 299 10.50 7.42 8.73
N GLN A 300 11.24 7.34 7.62
CA GLN A 300 10.77 6.70 6.40
C GLN A 300 10.97 5.19 6.49
N GLN A 301 10.09 4.54 7.23
CA GLN A 301 10.19 3.09 7.39
C GLN A 301 9.73 2.35 6.15
N THR A 302 8.68 2.83 5.49
CA THR A 302 8.12 2.13 4.33
C THR A 302 8.66 2.67 3.00
N ALA A 303 9.66 3.55 3.03
CA ALA A 303 10.21 4.13 1.82
C ALA A 303 11.27 3.21 1.22
N GLY A 304 11.26 3.12 -0.10
CA GLY A 304 12.23 2.31 -0.81
C GLY A 304 11.69 0.93 -1.15
N GLY A 305 12.61 0.08 -1.56
CA GLY A 305 12.26 -1.27 -1.97
C GLY A 305 12.91 -2.35 -1.14
N GLY A 306 13.49 -1.96 -0.01
CA GLY A 306 14.13 -2.92 0.88
C GLY A 306 13.12 -3.90 1.47
N HIS A 307 13.66 -4.88 2.19
CA HIS A 307 12.80 -5.91 2.78
C HIS A 307 12.02 -5.37 3.98
N ALA A 308 12.67 -4.56 4.81
CA ALA A 308 11.99 -3.98 5.97
C ALA A 308 10.84 -3.09 5.53
N ALA A 309 11.08 -2.25 4.52
CA ALA A 309 10.02 -1.37 4.01
C ALA A 309 8.88 -2.19 3.41
N GLN A 310 9.22 -3.20 2.60
CA GLN A 310 8.18 -4.01 1.96
C GLN A 310 7.37 -4.78 2.99
N PHE A 311 8.02 -5.28 4.04
CA PHE A 311 7.29 -5.98 5.11
C PHE A 311 6.30 -5.05 5.79
N LEU A 312 6.78 -3.89 6.25
CA LEU A 312 5.91 -2.95 6.96
C LEU A 312 4.79 -2.44 6.06
N GLN A 313 5.05 -2.32 4.75
CA GLN A 313 3.99 -1.94 3.83
C GLN A 313 3.00 -3.07 3.63
N ASP A 314 3.49 -4.32 3.61
CA ASP A 314 2.59 -5.46 3.46
C ASP A 314 1.70 -5.65 4.67
N MET A 315 2.26 -5.51 5.88
CA MET A 315 1.48 -5.70 7.10
C MET A 315 0.34 -4.70 7.21
N ARG A 316 0.40 -3.59 6.46
CA ARG A 316 -0.72 -2.68 6.40
C ARG A 316 -1.94 -3.32 5.75
N ARG A 317 -1.74 -4.28 4.84
CA ARG A 317 -2.87 -5.01 4.27
C ARG A 317 -3.61 -5.81 5.33
N TYR A 318 -3.01 -5.99 6.51
CA TYR A 318 -3.58 -6.80 7.57
C TYR A 318 -4.18 -5.97 8.69
N MET A 319 -4.30 -4.67 8.50
CA MET A 319 -4.96 -3.81 9.46
C MET A 319 -6.41 -3.57 9.05
N PRO A 320 -7.30 -3.26 9.99
CA PRO A 320 -8.64 -2.81 9.63
C PRO A 320 -8.58 -1.65 8.66
N PRO A 321 -9.60 -1.48 7.81
CA PRO A 321 -9.53 -0.41 6.80
C PRO A 321 -9.37 0.98 7.39
N ALA A 322 -10.06 1.26 8.50
CA ALA A 322 -9.93 2.55 9.16
C ALA A 322 -8.50 2.79 9.64
N HIS A 323 -7.75 1.72 9.91
CA HIS A 323 -6.37 1.87 10.36
C HIS A 323 -5.44 2.15 9.19
N ARG A 324 -5.68 1.52 8.03
CA ARG A 324 -4.91 1.85 6.84
C ARG A 324 -5.12 3.30 6.44
N ASN A 325 -6.36 3.79 6.53
CA ASN A 325 -6.66 5.16 6.15
C ASN A 325 -5.99 6.16 7.08
N PHE A 326 -5.90 5.84 8.38
CA PHE A 326 -5.24 6.74 9.32
C PHE A 326 -3.76 6.88 8.99
N LEU A 327 -3.11 5.80 8.57
CA LEU A 327 -1.70 5.86 8.23
C LEU A 327 -1.45 6.71 7.00
N CYS A 328 -2.10 6.37 5.88
CA CYS A 328 -1.83 7.08 4.63
C CYS A 328 -2.26 8.54 4.69
N SER A 329 -3.28 8.86 5.49
CA SER A 329 -3.68 10.25 5.65
C SER A 329 -2.68 11.03 6.50
N LEU A 330 -2.00 10.37 7.42
CA LEU A 330 -0.88 11.00 8.11
C LEU A 330 0.23 11.34 7.13
N GLU A 331 0.54 10.42 6.22
CA GLU A 331 1.56 10.66 5.21
C GLU A 331 1.17 11.78 4.25
N SER A 332 -0.11 12.15 4.19
CA SER A 332 -0.57 13.24 3.34
C SER A 332 -0.38 14.61 3.98
N ASN A 333 -0.08 14.67 5.27
CA ASN A 333 0.10 15.93 5.96
C ASN A 333 1.52 16.48 5.76
N PRO A 334 1.72 17.77 5.96
CA PRO A 334 3.09 18.31 5.89
C PRO A 334 3.99 17.69 6.94
N SER A 335 5.29 17.60 6.60
CA SER A 335 6.24 16.89 7.44
C SER A 335 6.50 17.66 8.74
N VAL A 336 6.29 16.99 9.87
CA VAL A 336 6.69 17.56 11.16
C VAL A 336 8.21 17.75 11.19
N ARG A 337 8.95 16.79 10.63
CA ARG A 337 10.40 16.87 10.64
C ARG A 337 10.91 18.06 9.85
N GLU A 338 10.36 18.28 8.65
CA GLU A 338 10.77 19.43 7.85
C GLU A 338 10.48 20.74 8.57
N PHE A 339 9.32 20.83 9.24
CA PHE A 339 8.95 22.04 9.95
C PHE A 339 9.96 22.37 11.04
N VAL A 340 10.33 21.38 11.85
CA VAL A 340 11.23 21.62 12.97
C VAL A 340 12.65 21.89 12.48
N LEU A 341 13.06 21.25 11.38
CA LEU A 341 14.39 21.46 10.84
C LEU A 341 14.61 22.90 10.36
N SER A 342 13.54 23.66 10.13
CA SER A 342 13.62 24.96 9.47
C SER A 342 13.45 26.13 10.43
N LYS A 343 13.39 25.89 11.73
CA LYS A 343 12.99 26.92 12.68
C LYS A 343 14.10 27.47 13.55
N GLY A 344 15.28 26.85 13.55
CA GLY A 344 16.36 27.33 14.41
C GLY A 344 15.99 27.40 15.87
N ASP A 345 15.16 26.46 16.33
CA ASP A 345 14.54 26.49 17.66
C ASP A 345 15.03 25.27 18.43
N ALA A 346 15.92 25.51 19.41
CA ALA A 346 16.51 24.39 20.14
C ALA A 346 15.45 23.63 20.95
N GLY A 347 14.52 24.35 21.55
CA GLY A 347 13.45 23.69 22.28
C GLY A 347 12.61 22.78 21.38
N LEU A 348 12.27 23.27 20.19
CA LEU A 348 11.50 22.45 19.25
C LEU A 348 12.28 21.22 18.81
N ARG A 349 13.58 21.37 18.52
CA ARG A 349 14.38 20.24 18.09
C ARG A 349 14.55 19.22 19.21
N GLU A 350 14.68 19.69 20.45
CA GLU A 350 14.84 18.76 21.57
C GLU A 350 13.54 17.99 21.84
N ALA A 351 12.38 18.63 21.67
CA ALA A 351 11.13 17.92 21.86
C ALA A 351 10.90 16.91 20.75
N TYR A 352 11.21 17.27 19.50
CA TYR A 352 11.15 16.31 18.41
C TYR A 352 12.11 15.14 18.65
N ASP A 353 13.32 15.43 19.11
CA ASP A 353 14.27 14.37 19.41
C ASP A 353 13.79 13.49 20.55
N ALA A 354 13.04 14.07 21.50
CA ALA A 354 12.51 13.28 22.60
C ALA A 354 11.57 12.18 22.10
N CYS A 355 10.75 12.49 21.11
CA CYS A 355 9.87 11.47 20.53
C CYS A 355 10.67 10.39 19.81
N VAL A 356 11.66 10.81 19.02
CA VAL A 356 12.46 9.85 18.26
C VAL A 356 13.25 8.94 19.20
N LYS A 357 13.78 9.50 20.28
CA LYS A 357 14.53 8.70 21.25
C LYS A 357 13.63 7.68 21.95
N ALA A 358 12.37 8.03 22.19
CA ALA A 358 11.44 7.08 22.81
C ALA A 358 11.19 5.89 21.90
N LEU A 359 11.08 6.13 20.59
CA LEU A 359 10.98 5.01 19.65
C LEU A 359 12.25 4.17 19.66
N VAL A 360 13.42 4.82 19.74
CA VAL A 360 14.68 4.09 19.83
C VAL A 360 14.73 3.28 21.12
N SER A 361 14.27 3.85 22.22
CA SER A 361 14.22 3.12 23.49
C SER A 361 13.28 1.93 23.39
N LEU A 362 12.16 2.10 22.69
CA LEU A 362 11.21 1.00 22.55
C LEU A 362 11.80 -0.12 21.71
N ARG A 363 12.41 0.21 20.58
CA ARG A 363 12.92 -0.83 19.69
C ARG A 363 14.20 -1.46 20.23
N SER A 364 14.97 -0.72 21.02
CA SER A 364 16.14 -1.31 21.67
C SER A 364 15.73 -2.28 22.77
N TYR A 365 14.75 -1.89 23.59
CA TYR A 365 14.19 -2.81 24.57
C TYR A 365 13.53 -4.00 23.88
N HIS A 366 12.98 -3.77 22.70
CA HIS A 366 12.32 -4.85 21.96
C HIS A 366 13.33 -5.88 21.49
N LEU A 367 14.53 -5.44 21.10
CA LEU A 367 15.58 -6.38 20.71
C LEU A 367 16.05 -7.21 21.90
N GLN A 368 16.07 -6.62 23.10
CA GLN A 368 16.28 -7.41 24.31
C GLN A 368 15.22 -8.50 24.45
N ILE A 369 13.96 -8.13 24.21
CA ILE A 369 12.85 -9.07 24.38
C ILE A 369 12.96 -10.21 23.38
N VAL A 370 13.28 -9.88 22.13
CA VAL A 370 13.37 -10.92 21.10
C VAL A 370 14.54 -11.85 21.38
N THR A 371 15.66 -11.30 21.86
CA THR A 371 16.77 -12.14 22.29
C THR A 371 16.32 -13.17 23.31
N LYS A 372 15.53 -12.73 24.29
CA LYS A 372 15.14 -13.61 25.39
C LYS A 372 14.06 -14.61 24.97
N TYR A 373 13.16 -14.23 24.07
CA TYR A 373 11.98 -15.05 23.80
C TYR A 373 12.05 -15.79 22.47
N ILE A 374 13.03 -15.53 21.61
CA ILE A 374 13.15 -16.27 20.36
C ILE A 374 14.58 -16.78 20.21
N LEU A 375 15.56 -15.91 20.45
CA LEU A 375 16.94 -16.26 20.12
C LEU A 375 17.48 -17.36 21.05
N ILE A 376 17.35 -17.18 22.36
CA ILE A 376 17.90 -18.17 23.28
C ILE A 376 17.05 -19.43 23.36
N PRO A 377 15.73 -19.41 23.09
CA PRO A 377 15.02 -20.69 23.01
C PRO A 377 15.32 -21.46 21.74
N ALA A 378 15.63 -20.78 20.63
CA ALA A 378 16.03 -21.48 19.41
C ALA A 378 17.43 -22.05 19.50
N SER A 379 18.09 -21.93 20.65
CA SER A 379 19.41 -22.48 20.87
C SER A 379 19.38 -23.78 21.67
N GLN A 380 18.19 -24.28 22.01
CA GLN A 380 18.07 -25.44 22.88
C GLN A 380 17.14 -26.49 22.28
N GLY A 401 17.12 -17.42 10.16
CA GLY A 401 16.67 -17.19 11.51
C GLY A 401 17.01 -15.80 12.03
N THR A 402 18.17 -15.29 11.62
CA THR A 402 18.62 -13.97 12.03
C THR A 402 18.30 -12.89 11.00
N ASP A 403 17.59 -13.23 9.91
CA ASP A 403 16.91 -12.19 9.15
C ASP A 403 16.02 -11.36 10.07
N LEU A 404 15.54 -11.99 11.09
CA LEU A 404 14.73 -11.35 12.08
C LEU A 404 15.51 -10.26 12.74
N MET A 405 16.67 -10.59 13.26
CA MET A 405 17.46 -9.59 13.97
C MET A 405 17.96 -8.50 13.05
N ASN A 406 18.26 -8.82 11.80
CA ASN A 406 18.66 -7.81 10.84
C ASN A 406 17.50 -6.87 10.51
N PHE A 407 16.28 -7.40 10.42
CA PHE A 407 15.12 -6.56 10.17
C PHE A 407 14.90 -5.59 11.32
N LEU A 408 14.92 -6.10 12.55
CA LEU A 408 14.68 -5.25 13.71
C LEU A 408 15.78 -4.21 13.87
N LYS A 409 17.02 -4.58 13.56
CA LYS A 409 18.11 -3.62 13.63
C LYS A 409 18.01 -2.60 12.50
N THR A 410 17.53 -3.02 11.33
CA THR A 410 17.31 -2.09 10.23
C THR A 410 16.27 -1.05 10.61
N VAL A 411 15.16 -1.49 11.21
CA VAL A 411 14.10 -0.57 11.57
C VAL A 411 14.55 0.37 12.69
N ARG A 412 15.36 -0.14 13.63
CA ARG A 412 15.87 0.73 14.69
C ARG A 412 16.90 1.70 14.15
N SER A 413 17.84 1.21 13.32
CA SER A 413 18.84 2.08 12.72
C SER A 413 18.19 3.23 11.99
N THR A 414 17.15 2.95 11.20
CA THR A 414 16.42 4.00 10.50
C THR A 414 15.86 5.03 11.49
N THR A 415 15.38 4.57 12.64
CA THR A 415 14.86 5.50 13.64
C THR A 415 15.97 6.35 14.26
N GLU A 416 17.10 5.72 14.60
CA GLU A 416 18.17 6.44 15.27
C GLU A 416 18.77 7.53 14.37
N LYS A 417 18.94 7.23 13.08
CA LYS A 417 19.51 8.21 12.17
C LYS A 417 18.57 9.36 11.86
N SER A 418 17.31 9.29 12.31
CA SER A 418 16.38 10.41 12.18
C SER A 418 16.57 11.46 13.27
N LEU A 419 17.37 11.16 14.30
CA LEU A 419 17.62 12.11 15.36
C LEU A 419 18.24 13.39 14.80
N LEU A 420 17.85 14.52 15.38
CA LEU A 420 18.38 15.79 14.88
C LEU A 420 19.77 16.06 15.45
N LYS A 421 19.99 15.74 16.73
CA LYS A 421 21.32 15.87 17.30
C LYS A 421 21.69 14.51 17.90
N GLU A 422 22.15 14.45 19.15
CA GLU A 422 22.80 13.25 19.73
C GLU A 422 24.08 13.02 18.92
N GLY A 423 24.60 11.80 18.92
CA GLY A 423 25.78 11.50 18.13
C GLY A 423 27.09 12.04 18.68
N SER B 32 -12.01 19.36 -4.79
CA SER B 32 -10.77 18.59 -4.69
C SER B 32 -9.65 19.42 -4.07
N LYS B 33 -8.96 18.82 -3.10
CA LYS B 33 -7.92 19.50 -2.34
C LYS B 33 -6.70 19.76 -3.24
N GLU B 34 -5.60 20.20 -2.63
CA GLU B 34 -4.37 20.44 -3.38
C GLU B 34 -3.70 19.14 -3.76
N TYR B 35 -4.47 18.22 -4.35
CA TYR B 35 -3.94 16.92 -4.73
C TYR B 35 -3.45 17.01 -6.17
N HIS B 36 -3.02 18.21 -6.54
CA HIS B 36 -2.52 18.50 -7.89
C HIS B 36 -3.48 18.03 -8.95
N ILE B 37 -4.75 18.38 -8.76
CA ILE B 37 -5.78 18.09 -9.74
C ILE B 37 -5.98 19.35 -10.57
N ASP B 38 -5.66 19.28 -11.85
CA ASP B 38 -6.11 20.29 -12.77
C ASP B 38 -7.53 19.92 -13.18
N GLU B 39 -8.42 20.91 -13.25
CA GLU B 39 -9.79 20.56 -13.61
C GLU B 39 -9.96 20.34 -15.11
N GLU B 40 -9.02 20.84 -15.92
CA GLU B 40 -9.06 20.70 -17.37
C GLU B 40 -8.32 19.44 -17.84
N VAL B 41 -7.10 19.23 -17.35
CA VAL B 41 -6.32 18.05 -17.74
C VAL B 41 -6.20 17.03 -16.61
N GLY B 42 -6.85 17.25 -15.47
CA GLY B 42 -6.84 16.28 -14.40
C GLY B 42 -5.52 16.12 -13.68
N PHE B 43 -4.99 14.89 -13.71
CA PHE B 43 -3.72 14.60 -13.04
C PHE B 43 -2.53 14.77 -13.97
N ALA B 44 -2.75 15.09 -15.24
CA ALA B 44 -1.66 15.51 -16.09
C ALA B 44 -1.13 16.85 -15.61
N LEU B 45 0.16 17.06 -15.81
CA LEU B 45 0.81 18.30 -15.43
C LEU B 45 0.42 19.39 -16.42
N PRO B 46 -0.17 20.50 -15.98
CA PRO B 46 -0.58 21.54 -16.92
C PRO B 46 0.63 22.19 -17.58
N ASN B 47 0.54 22.33 -18.92
CA ASN B 47 1.58 22.74 -19.86
C ASN B 47 2.98 22.61 -19.26
N PRO B 48 3.55 21.42 -19.32
CA PRO B 48 4.88 21.18 -18.73
C PRO B 48 5.96 22.03 -19.35
N GLN B 49 7.05 22.19 -18.62
CA GLN B 49 8.17 22.99 -19.08
C GLN B 49 8.96 22.21 -20.13
N GLU B 50 9.38 22.92 -21.17
CA GLU B 50 10.10 22.30 -22.29
C GLU B 50 11.61 22.42 -22.16
N ASN B 51 12.11 23.48 -21.53
CA ASN B 51 13.54 23.76 -21.49
C ASN B 51 14.01 23.92 -20.05
N LEU B 52 15.20 23.40 -19.78
CA LEU B 52 15.84 23.52 -18.47
C LEU B 52 16.73 24.75 -18.44
N PRO B 53 17.19 25.16 -17.25
CA PRO B 53 18.24 26.16 -17.18
C PRO B 53 19.44 25.77 -18.03
N ASP B 54 20.13 26.78 -18.57
CA ASP B 54 21.28 26.52 -19.41
C ASP B 54 22.39 25.79 -18.67
N PHE B 55 22.34 25.78 -17.34
CA PHE B 55 23.27 25.01 -16.54
C PHE B 55 23.16 23.51 -16.81
N TYR B 56 22.08 23.08 -17.46
CA TYR B 56 21.83 21.66 -17.72
C TYR B 56 21.76 21.36 -19.22
N ASN B 57 22.47 22.14 -20.04
CA ASN B 57 22.46 21.89 -21.47
C ASN B 57 23.11 20.54 -21.81
N ASP B 58 24.08 20.10 -21.02
CA ASP B 58 24.70 18.81 -21.27
C ASP B 58 23.69 17.67 -21.15
N TRP B 59 22.85 17.72 -20.11
CA TRP B 59 21.76 16.76 -20.02
C TRP B 59 20.81 16.89 -21.20
N MET B 60 20.41 18.13 -21.51
CA MET B 60 19.34 18.35 -22.47
C MET B 60 19.75 17.99 -23.89
N PHE B 61 21.02 18.20 -24.26
CA PHE B 61 21.46 17.81 -25.58
C PHE B 61 21.38 16.30 -25.77
N ILE B 62 21.76 15.54 -24.74
CA ILE B 62 21.67 14.09 -24.81
C ILE B 62 20.22 13.65 -24.92
N ALA B 63 19.37 14.14 -24.01
CA ALA B 63 17.99 13.68 -23.97
C ALA B 63 17.23 14.05 -25.24
N LYS B 64 17.49 15.24 -25.78
CA LYS B 64 16.81 15.68 -26.99
C LYS B 64 17.34 15.03 -28.26
N HIS B 65 18.36 14.17 -28.16
CA HIS B 65 18.94 13.53 -29.35
C HIS B 65 19.15 12.03 -29.16
N LEU B 66 18.38 11.39 -28.26
CA LEU B 66 18.50 9.95 -28.07
C LEU B 66 18.35 9.13 -29.35
N PRO B 67 17.42 9.43 -30.27
CA PRO B 67 17.30 8.58 -31.47
C PRO B 67 18.59 8.44 -32.27
N ASP B 68 19.29 9.54 -32.54
CA ASP B 68 20.51 9.44 -33.33
C ASP B 68 21.69 9.00 -32.49
N LEU B 69 21.77 9.48 -31.24
CA LEU B 69 22.88 9.09 -30.37
C LEU B 69 22.89 7.59 -30.11
N ILE B 70 21.72 6.97 -30.01
CA ILE B 70 21.67 5.52 -29.79
C ILE B 70 22.04 4.77 -31.06
N GLU B 71 21.44 5.15 -32.18
CA GLU B 71 21.66 4.41 -33.42
C GLU B 71 23.09 4.51 -33.92
N SER B 72 23.71 5.69 -33.75
CA SER B 72 25.10 5.86 -34.17
C SER B 72 26.10 5.30 -33.17
N GLY B 73 25.65 4.96 -31.97
CA GLY B 73 26.53 4.38 -30.97
C GLY B 73 27.31 5.37 -30.14
N GLN B 74 26.89 6.63 -30.07
CA GLN B 74 27.57 7.64 -29.27
C GLN B 74 27.06 7.71 -27.84
N LEU B 75 25.90 7.13 -27.55
CA LEU B 75 25.15 7.51 -26.35
C LEU B 75 25.89 7.14 -25.08
N ARG B 76 26.24 5.86 -24.92
CA ARG B 76 26.87 5.41 -23.68
C ARG B 76 28.16 6.16 -23.41
N GLU B 77 28.95 6.41 -24.45
CA GLU B 77 30.16 7.19 -24.28
C GLU B 77 29.85 8.60 -23.78
N ARG B 78 28.85 9.25 -24.37
CA ARG B 78 28.51 10.60 -23.97
C ARG B 78 28.00 10.66 -22.53
N VAL B 79 27.22 9.65 -22.13
CA VAL B 79 26.77 9.57 -20.74
C VAL B 79 27.97 9.40 -19.81
N GLU B 80 28.96 8.63 -20.24
CA GLU B 80 30.10 8.33 -19.37
C GLU B 80 31.03 9.53 -19.22
N LYS B 81 31.15 10.38 -20.25
CA LYS B 81 31.98 11.57 -20.19
C LYS B 81 31.21 12.79 -19.71
N LEU B 82 30.13 12.60 -18.96
CA LEU B 82 29.36 13.71 -18.43
C LEU B 82 29.97 14.21 -17.13
N ASN B 83 29.90 15.52 -16.91
CA ASN B 83 30.24 16.09 -15.62
C ASN B 83 29.07 15.93 -14.67
N MET B 84 29.38 15.68 -13.39
CA MET B 84 28.33 15.58 -12.38
C MET B 84 27.74 16.95 -12.14
N LEU B 85 26.52 17.17 -12.62
CA LEU B 85 25.82 18.41 -12.39
C LEU B 85 25.01 18.31 -11.11
N SER B 86 24.72 19.47 -10.52
CA SER B 86 24.01 19.56 -9.25
C SER B 86 22.53 19.82 -9.48
N ILE B 87 21.73 19.47 -8.47
CA ILE B 87 20.28 19.59 -8.56
C ILE B 87 19.76 20.93 -8.05
N ASP B 88 20.52 21.62 -7.19
CA ASP B 88 20.03 22.79 -6.48
C ASP B 88 19.61 23.93 -7.38
N HIS B 89 20.00 23.91 -8.66
CA HIS B 89 19.61 24.97 -9.58
C HIS B 89 18.28 24.68 -10.27
N LEU B 90 17.56 23.67 -9.82
CA LEU B 90 16.21 23.35 -10.29
C LEU B 90 15.24 23.78 -9.18
N THR B 91 14.56 24.90 -9.40
CA THR B 91 13.77 25.52 -8.33
C THR B 91 12.33 25.02 -8.31
N ASP B 92 11.52 25.46 -9.26
CA ASP B 92 10.09 25.17 -9.24
C ASP B 92 9.82 23.70 -9.53
N HIS B 93 8.58 23.28 -9.25
CA HIS B 93 8.19 21.90 -9.45
C HIS B 93 8.27 21.50 -10.92
N LYS B 94 7.80 22.39 -11.80
CA LYS B 94 7.75 22.10 -13.24
C LYS B 94 9.13 21.80 -13.82
N SER B 95 10.21 22.28 -13.19
CA SER B 95 11.55 22.03 -13.72
C SER B 95 12.18 20.79 -13.12
N GLN B 96 11.96 20.54 -11.82
CA GLN B 96 12.38 19.27 -11.24
C GLN B 96 11.73 18.10 -11.96
N ARG B 97 10.48 18.27 -12.38
CA ARG B 97 9.78 17.23 -13.12
C ARG B 97 10.34 17.08 -14.54
N LEU B 98 10.66 18.20 -15.19
CA LEU B 98 11.30 18.13 -16.49
C LEU B 98 12.66 17.46 -16.41
N ALA B 99 13.40 17.67 -15.31
CA ALA B 99 14.70 17.04 -15.16
C ALA B 99 14.55 15.54 -14.96
N ARG B 100 13.58 15.11 -14.13
CA ARG B 100 13.34 13.68 -13.95
C ARG B 100 13.04 13.00 -15.27
N LEU B 101 12.23 13.64 -16.13
CA LEU B 101 11.95 13.09 -17.45
C LEU B 101 13.21 13.02 -18.29
N VAL B 102 14.09 14.02 -18.14
CA VAL B 102 15.34 14.03 -18.91
C VAL B 102 16.25 12.89 -18.46
N LEU B 103 16.53 12.81 -17.16
CA LEU B 103 17.44 11.79 -16.66
C LEU B 103 16.85 10.40 -16.82
N GLY B 104 15.53 10.28 -16.68
CA GLY B 104 14.89 8.97 -16.78
C GLY B 104 15.04 8.35 -18.15
N CYS B 105 14.84 9.13 -19.21
CA CYS B 105 15.03 8.63 -20.56
C CYS B 105 16.50 8.30 -20.82
N ILE B 106 17.41 9.17 -20.39
CA ILE B 106 18.84 8.92 -20.55
C ILE B 106 19.22 7.63 -19.84
N THR B 107 18.65 7.39 -18.67
CA THR B 107 18.90 6.15 -17.94
C THR B 107 18.44 4.94 -18.75
N MET B 108 17.23 5.02 -19.31
CA MET B 108 16.72 3.91 -20.12
C MET B 108 17.58 3.67 -21.34
N ALA B 109 17.98 4.74 -22.03
CA ALA B 109 18.82 4.61 -23.21
C ALA B 109 20.18 4.00 -22.86
N TYR B 110 20.78 4.43 -21.76
CA TYR B 110 22.08 3.91 -21.36
C TYR B 110 21.98 2.44 -20.94
N VAL B 111 20.95 2.11 -20.16
CA VAL B 111 20.82 0.74 -19.65
C VAL B 111 20.54 -0.24 -20.78
N TRP B 112 19.64 0.12 -21.71
CA TRP B 112 19.21 -0.81 -22.75
C TRP B 112 19.95 -0.62 -24.07
N GLY B 113 20.68 0.48 -24.25
CA GLY B 113 21.46 0.67 -25.47
C GLY B 113 20.58 0.72 -26.70
N LYS B 114 21.06 0.10 -27.77
CA LYS B 114 20.29 0.01 -29.01
C LYS B 114 19.07 -0.91 -28.89
N GLY B 115 18.79 -1.44 -27.71
CA GLY B 115 17.61 -2.28 -27.53
C GLY B 115 17.72 -3.67 -28.11
N HIS B 116 18.93 -4.22 -28.16
CA HIS B 116 19.16 -5.53 -28.75
C HIS B 116 19.67 -6.57 -27.75
N GLY B 117 19.61 -6.27 -26.45
CA GLY B 117 20.03 -7.21 -25.44
C GLY B 117 21.34 -6.87 -24.76
N ASP B 118 22.15 -5.99 -25.33
CA ASP B 118 23.35 -5.53 -24.65
C ASP B 118 22.94 -4.55 -23.55
N VAL B 119 23.18 -4.94 -22.30
CA VAL B 119 22.65 -4.23 -21.13
C VAL B 119 23.82 -3.71 -20.31
N ARG B 120 23.65 -2.50 -19.77
CA ARG B 120 24.60 -1.92 -18.83
C ARG B 120 23.99 -1.99 -17.44
N LYS B 121 24.74 -2.59 -16.51
CA LYS B 121 24.24 -2.86 -15.17
C LYS B 121 24.77 -1.86 -14.14
N VAL B 122 25.54 -0.86 -14.57
CA VAL B 122 26.04 0.19 -13.70
C VAL B 122 25.67 1.53 -14.34
N LEU B 123 24.97 2.37 -13.58
CA LEU B 123 24.66 3.73 -14.03
C LEU B 123 25.78 4.66 -13.60
N PRO B 124 26.43 5.38 -14.51
CA PRO B 124 27.57 6.21 -14.13
C PRO B 124 27.21 7.24 -13.06
N ARG B 125 28.11 7.41 -12.09
CA ARG B 125 27.82 8.24 -10.93
C ARG B 125 27.44 9.66 -11.33
N ASN B 126 28.08 10.20 -12.38
CA ASN B 126 27.83 11.58 -12.77
C ASN B 126 26.39 11.80 -13.22
N ILE B 127 25.68 10.74 -13.61
CA ILE B 127 24.26 10.84 -13.87
C ILE B 127 23.44 10.05 -12.84
N ALA B 128 24.01 9.03 -12.22
CA ALA B 128 23.24 8.20 -11.31
C ALA B 128 22.84 8.96 -10.05
N VAL B 129 23.72 9.80 -9.53
CA VAL B 129 23.46 10.44 -8.24
C VAL B 129 22.67 11.74 -8.36
N PRO B 130 22.76 12.54 -9.43
CA PRO B 130 21.78 13.63 -9.54
C PRO B 130 20.38 13.11 -9.73
N TYR B 131 20.23 12.05 -10.53
CA TYR B 131 18.95 11.38 -10.69
C TYR B 131 18.41 10.89 -9.36
N CYS B 132 19.25 10.17 -8.60
CA CYS B 132 18.81 9.62 -7.32
C CYS B 132 18.48 10.70 -6.31
N GLN B 133 19.23 11.82 -6.32
CA GLN B 133 18.93 12.92 -5.41
C GLN B 133 17.58 13.55 -5.74
N LEU B 134 17.44 14.05 -6.97
CA LEU B 134 16.19 14.64 -7.42
C LEU B 134 15.01 13.68 -7.26
N SER B 135 15.26 12.38 -7.35
CA SER B 135 14.19 11.40 -7.15
C SER B 135 13.72 11.39 -5.71
N LYS B 136 14.63 11.47 -4.75
CA LYS B 136 14.24 11.49 -3.34
C LYS B 136 13.52 12.79 -3.00
N LYS B 137 13.96 13.91 -3.59
CA LYS B 137 13.30 15.18 -3.34
C LYS B 137 11.86 15.17 -3.83
N LEU B 138 11.55 14.38 -4.86
CA LEU B 138 10.21 14.27 -5.41
C LEU B 138 9.48 13.03 -4.93
N GLU B 139 10.08 12.27 -4.01
CA GLU B 139 9.45 11.08 -3.41
C GLU B 139 9.07 10.06 -4.48
N LEU B 140 9.93 9.91 -5.49
CA LEU B 140 9.74 8.97 -6.58
C LEU B 140 10.96 8.06 -6.70
N PRO B 141 10.79 6.85 -7.23
CA PRO B 141 11.94 5.98 -7.43
C PRO B 141 12.78 6.45 -8.60
N PRO B 142 14.08 6.14 -8.62
CA PRO B 142 14.97 6.59 -9.70
C PRO B 142 14.86 5.72 -10.96
N ILE B 143 13.67 5.71 -11.56
CA ILE B 143 13.43 5.03 -12.83
C ILE B 143 12.32 5.77 -13.55
N LEU B 144 12.33 5.68 -14.88
CA LEU B 144 11.30 6.34 -15.66
C LEU B 144 9.92 5.84 -15.25
N VAL B 145 8.98 6.76 -15.07
CA VAL B 145 7.67 6.46 -14.51
C VAL B 145 6.59 7.08 -15.38
N TYR B 146 5.35 6.61 -15.19
CA TYR B 146 4.24 7.09 -16.00
C TYR B 146 4.07 8.60 -15.87
N ALA B 147 4.19 9.13 -14.65
CA ALA B 147 4.09 10.57 -14.45
C ALA B 147 5.20 11.32 -15.18
N ASP B 148 6.31 10.66 -15.50
CA ASP B 148 7.38 11.29 -16.26
C ASP B 148 7.05 11.32 -17.75
N CYS B 149 6.97 10.14 -18.37
CA CYS B 149 6.91 10.02 -19.82
C CYS B 149 5.51 10.21 -20.41
N VAL B 150 4.50 10.47 -19.59
CA VAL B 150 3.18 10.79 -20.11
C VAL B 150 2.73 12.13 -19.55
N LEU B 151 2.60 12.23 -18.23
CA LEU B 151 1.99 13.41 -17.62
C LEU B 151 2.86 14.64 -17.79
N ALA B 152 4.17 14.48 -17.88
CA ALA B 152 5.09 15.60 -18.01
C ALA B 152 5.84 15.61 -19.34
N ASN B 153 5.35 14.84 -20.32
CA ASN B 153 6.06 14.66 -21.57
C ASN B 153 5.21 15.06 -22.78
N TRP B 154 4.65 16.26 -22.74
CA TRP B 154 3.79 16.70 -23.84
C TRP B 154 3.85 18.22 -23.97
N LYS B 155 3.45 18.69 -25.16
CA LYS B 155 3.31 20.11 -25.42
C LYS B 155 2.27 20.31 -26.50
N LYS B 156 1.66 21.49 -26.51
CA LYS B 156 0.79 21.87 -27.60
C LYS B 156 1.62 22.39 -28.77
N LYS B 157 1.09 22.19 -29.98
CA LYS B 157 1.66 22.85 -31.14
C LYS B 157 1.19 24.29 -31.22
N ASP B 158 -0.12 24.50 -31.18
CA ASP B 158 -0.74 25.82 -31.22
C ASP B 158 -1.44 26.07 -29.90
N PRO B 159 -0.94 26.96 -29.04
CA PRO B 159 -1.59 27.18 -27.73
C PRO B 159 -3.00 27.73 -27.82
N ASN B 160 -3.44 28.17 -29.00
CA ASN B 160 -4.81 28.68 -29.18
C ASN B 160 -5.72 27.66 -29.85
N LYS B 161 -5.47 26.38 -29.62
CA LYS B 161 -6.27 25.28 -30.17
C LYS B 161 -6.35 24.20 -29.10
N PRO B 162 -7.35 23.30 -29.19
CA PRO B 162 -7.60 22.38 -28.07
C PRO B 162 -6.55 21.28 -27.92
N LEU B 163 -6.77 20.40 -26.94
CA LEU B 163 -5.86 19.28 -26.68
C LEU B 163 -6.34 18.07 -27.47
N THR B 164 -5.99 18.06 -28.75
CA THR B 164 -6.22 16.94 -29.63
C THR B 164 -4.88 16.41 -30.12
N TYR B 165 -4.89 15.17 -30.61
CA TYR B 165 -3.66 14.53 -31.05
C TYR B 165 -2.97 15.34 -32.15
N GLU B 166 -3.75 15.83 -33.11
CA GLU B 166 -3.20 16.57 -34.23
C GLU B 166 -2.48 17.83 -33.78
N ASN B 167 -2.94 18.44 -32.68
CA ASN B 167 -2.35 19.65 -32.14
C ASN B 167 -1.46 19.36 -30.93
N MET B 168 -0.84 18.18 -30.88
CA MET B 168 0.00 17.82 -29.74
C MET B 168 1.23 17.07 -30.22
N ASP B 169 2.19 16.95 -29.32
CA ASP B 169 3.44 16.24 -29.56
C ASP B 169 4.09 15.99 -28.22
N VAL B 170 5.00 15.01 -28.19
CA VAL B 170 5.72 14.69 -26.96
C VAL B 170 7.01 15.50 -26.93
N LEU B 171 7.64 15.54 -25.76
CA LEU B 171 8.92 16.24 -25.64
C LEU B 171 10.11 15.36 -25.96
N PHE B 172 10.00 14.05 -25.74
CA PHE B 172 11.13 13.15 -25.91
C PHE B 172 10.67 11.82 -26.48
N SER B 173 11.57 11.19 -27.23
CA SER B 173 11.38 9.85 -27.77
C SER B 173 12.67 9.06 -27.54
N PHE B 174 12.62 7.77 -27.89
CA PHE B 174 13.79 6.90 -27.76
C PHE B 174 14.48 6.66 -29.09
N ARG B 175 13.73 6.19 -30.09
CA ARG B 175 14.26 5.86 -31.40
C ARG B 175 13.28 6.32 -32.46
N ASP B 176 13.79 6.58 -33.66
CA ASP B 176 12.92 6.89 -34.78
C ASP B 176 11.98 5.73 -35.04
N GLY B 177 10.70 6.03 -35.21
CA GLY B 177 9.71 5.01 -35.47
C GLY B 177 9.33 4.13 -34.30
N ASP B 178 9.67 4.52 -33.07
CA ASP B 178 9.28 3.73 -31.90
C ASP B 178 7.83 3.94 -31.50
N CYS B 179 7.12 4.85 -32.17
CA CYS B 179 5.70 5.12 -31.93
C CYS B 179 5.46 5.66 -30.52
N SER B 180 6.47 6.31 -29.94
CA SER B 180 6.32 6.85 -28.60
C SER B 180 5.35 8.01 -28.56
N LYS B 181 5.22 8.75 -29.67
CA LYS B 181 4.24 9.84 -29.71
C LYS B 181 2.83 9.30 -29.59
N GLY B 182 2.51 8.29 -30.40
CA GLY B 182 1.16 7.72 -30.35
C GLY B 182 0.85 7.07 -29.00
N PHE B 183 1.81 6.32 -28.46
CA PHE B 183 1.57 5.60 -27.22
C PHE B 183 1.44 6.57 -26.04
N PHE B 184 2.35 7.54 -25.93
CA PHE B 184 2.31 8.47 -24.80
C PHE B 184 1.12 9.42 -24.88
N LEU B 185 0.77 9.87 -26.09
CA LEU B 185 -0.27 10.88 -26.21
C LEU B 185 -1.67 10.28 -26.08
N VAL B 186 -1.92 9.13 -26.70
CA VAL B 186 -3.22 8.48 -26.57
C VAL B 186 -3.49 8.13 -25.11
N SER B 187 -2.47 7.61 -24.41
CA SER B 187 -2.59 7.39 -22.97
C SER B 187 -2.93 8.69 -22.25
N LEU B 188 -2.29 9.80 -22.64
CA LEU B 188 -2.56 11.09 -22.01
C LEU B 188 -3.98 11.56 -22.30
N LEU B 189 -4.41 11.46 -23.55
CA LEU B 189 -5.75 11.91 -23.91
C LEU B 189 -6.84 11.09 -23.22
N VAL B 190 -6.59 9.80 -23.01
CA VAL B 190 -7.54 8.97 -22.28
C VAL B 190 -7.61 9.41 -20.81
N GLU B 191 -6.45 9.66 -20.20
CA GLU B 191 -6.42 10.12 -18.82
C GLU B 191 -7.16 11.45 -18.66
N ILE B 192 -6.95 12.38 -19.59
CA ILE B 192 -7.64 13.66 -19.54
C ILE B 192 -9.15 13.47 -19.67
N ALA B 193 -9.58 12.61 -20.59
CA ALA B 193 -11.01 12.35 -20.76
C ALA B 193 -11.61 11.74 -19.49
N ALA B 194 -10.86 10.87 -18.82
CA ALA B 194 -11.34 10.29 -17.57
C ALA B 194 -11.26 11.29 -16.41
N ALA B 195 -10.31 12.22 -16.48
CA ALA B 195 -10.08 13.13 -15.37
C ALA B 195 -11.16 14.19 -15.21
N SER B 196 -11.91 14.48 -16.27
CA SER B 196 -13.05 15.38 -16.16
C SER B 196 -14.12 14.83 -15.23
N ALA B 197 -14.12 13.51 -14.98
CA ALA B 197 -15.02 12.94 -13.98
C ALA B 197 -14.57 13.23 -12.56
N ILE B 198 -13.30 13.59 -12.37
CA ILE B 198 -12.76 13.78 -11.02
C ILE B 198 -13.41 14.96 -10.33
N LYS B 199 -13.69 16.04 -11.08
CA LYS B 199 -14.36 17.19 -10.49
C LYS B 199 -15.79 16.87 -10.05
N VAL B 200 -16.34 15.73 -10.48
CA VAL B 200 -17.66 15.30 -10.03
C VAL B 200 -17.60 14.50 -8.74
N ILE B 201 -16.42 13.97 -8.37
CA ILE B 201 -16.31 13.17 -7.14
C ILE B 201 -16.75 13.95 -5.91
N PRO B 202 -16.34 15.21 -5.69
CA PRO B 202 -16.87 15.92 -4.51
C PRO B 202 -18.39 15.99 -4.47
N THR B 203 -19.03 16.11 -5.64
CA THR B 203 -20.48 16.14 -5.69
C THR B 203 -21.08 14.83 -5.17
N VAL B 204 -20.41 13.72 -5.44
CA VAL B 204 -20.92 12.41 -5.02
C VAL B 204 -20.96 12.31 -3.49
N PHE B 205 -19.84 12.65 -2.83
CA PHE B 205 -19.78 12.49 -1.38
C PHE B 205 -20.65 13.52 -0.66
N LYS B 206 -20.75 14.73 -1.20
CA LYS B 206 -21.66 15.71 -0.60
C LYS B 206 -23.11 15.28 -0.75
N ALA B 207 -23.46 14.71 -1.91
CA ALA B 207 -24.82 14.24 -2.12
C ALA B 207 -25.20 13.13 -1.15
N MET B 208 -24.27 12.18 -0.92
CA MET B 208 -24.52 11.13 0.05
C MET B 208 -24.71 11.69 1.45
N GLN B 209 -23.91 12.69 1.82
CA GLN B 209 -23.96 13.27 3.15
C GLN B 209 -25.19 14.14 3.35
N MET B 210 -25.54 14.95 2.35
CA MET B 210 -26.74 15.76 2.42
C MET B 210 -28.01 14.97 2.12
N GLN B 211 -27.89 13.69 1.77
CA GLN B 211 -29.03 12.85 1.39
C GLN B 211 -29.80 13.50 0.23
N GLU B 212 -29.06 13.73 -0.86
CA GLU B 212 -29.59 14.35 -2.07
C GLU B 212 -29.58 13.30 -3.18
N ARG B 213 -30.69 12.55 -3.27
CA ARG B 213 -30.74 11.39 -4.17
C ARG B 213 -30.61 11.81 -5.62
N ASP B 214 -31.29 12.88 -6.03
CA ASP B 214 -31.26 13.28 -7.44
C ASP B 214 -29.88 13.80 -7.83
N THR B 215 -29.20 14.52 -6.94
CA THR B 215 -27.86 15.01 -7.25
C THR B 215 -26.88 13.87 -7.40
N LEU B 216 -26.96 12.86 -6.53
CA LEU B 216 -26.06 11.72 -6.61
C LEU B 216 -26.26 10.95 -7.90
N LEU B 217 -27.52 10.67 -8.25
CA LEU B 217 -27.82 9.98 -9.51
C LEU B 217 -27.26 10.75 -10.71
N LYS B 218 -27.42 12.06 -10.71
CA LYS B 218 -26.88 12.87 -11.80
C LYS B 218 -25.35 12.80 -11.83
N ALA B 219 -24.71 12.81 -10.66
CA ALA B 219 -23.25 12.78 -10.60
C ALA B 219 -22.71 11.43 -11.07
N LEU B 220 -23.37 10.33 -10.69
CA LEU B 220 -22.89 9.01 -11.10
C LEU B 220 -23.02 8.83 -12.61
N LEU B 221 -24.16 9.23 -13.18
CA LEU B 221 -24.32 9.17 -14.63
C LEU B 221 -23.26 9.99 -15.34
N GLU B 222 -22.92 11.16 -14.77
CA GLU B 222 -21.89 11.99 -15.37
C GLU B 222 -20.54 11.31 -15.34
N ILE B 223 -20.21 10.66 -14.22
CA ILE B 223 -18.96 9.92 -14.12
C ILE B 223 -18.92 8.81 -15.17
N ALA B 224 -20.03 8.09 -15.33
CA ALA B 224 -20.13 7.06 -16.36
C ALA B 224 -19.94 7.66 -17.76
N SER B 225 -20.40 8.89 -17.98
CA SER B 225 -20.24 9.52 -19.28
C SER B 225 -18.77 9.74 -19.60
N CYS B 226 -18.00 10.25 -18.64
CA CYS B 226 -16.59 10.54 -18.89
C CYS B 226 -15.80 9.26 -19.15
N LEU B 227 -16.14 8.18 -18.43
CA LEU B 227 -15.47 6.91 -18.67
C LEU B 227 -15.85 6.31 -20.01
N GLU B 228 -17.09 6.54 -20.47
CA GLU B 228 -17.47 6.08 -21.80
C GLU B 228 -16.77 6.89 -22.88
N LYS B 229 -16.63 8.21 -22.68
CA LYS B 229 -15.90 9.02 -23.63
C LYS B 229 -14.42 8.65 -23.67
N ALA B 230 -13.85 8.30 -22.51
CA ALA B 230 -12.45 7.89 -22.46
C ALA B 230 -12.22 6.62 -23.28
N LEU B 231 -13.21 5.73 -23.32
CA LEU B 231 -13.08 4.52 -24.13
C LEU B 231 -13.03 4.86 -25.61
N GLN B 232 -13.79 5.87 -26.04
CA GLN B 232 -13.75 6.28 -27.44
C GLN B 232 -12.40 6.88 -27.80
N VAL B 233 -11.83 7.70 -26.90
CA VAL B 233 -10.48 8.22 -27.11
C VAL B 233 -9.48 7.08 -27.23
N PHE B 234 -9.65 6.05 -26.41
CA PHE B 234 -8.79 4.86 -26.46
C PHE B 234 -8.72 4.28 -27.86
N HIS B 235 -9.80 4.40 -28.64
CA HIS B 235 -9.85 3.80 -29.97
C HIS B 235 -8.71 4.28 -30.87
N GLN B 236 -8.22 5.50 -30.65
CA GLN B 236 -7.20 6.08 -31.53
C GLN B 236 -5.86 5.35 -31.44
N ILE B 237 -5.69 4.43 -30.50
CA ILE B 237 -4.41 3.76 -30.33
C ILE B 237 -3.99 3.05 -31.61
N HIS B 238 -4.96 2.50 -32.35
CA HIS B 238 -4.66 1.78 -33.58
C HIS B 238 -4.13 2.70 -34.68
N ASP B 239 -4.45 3.99 -34.62
CA ASP B 239 -4.01 4.90 -35.68
C ASP B 239 -2.53 5.23 -35.56
N HIS B 240 -2.04 5.39 -34.32
CA HIS B 240 -0.74 5.99 -34.10
C HIS B 240 0.28 5.05 -33.47
N VAL B 241 -0.08 3.82 -33.16
CA VAL B 241 0.87 2.82 -32.65
C VAL B 241 0.75 1.57 -33.51
N ASN B 242 1.90 1.07 -33.97
CA ASN B 242 2.05 -0.15 -34.74
C ASN B 242 2.55 -1.28 -33.86
N PRO B 243 1.91 -2.47 -33.97
CA PRO B 243 2.25 -3.59 -33.06
C PRO B 243 3.73 -3.93 -33.01
N LYS B 244 4.34 -4.23 -34.16
CA LYS B 244 5.72 -4.68 -34.16
C LYS B 244 6.67 -3.59 -33.69
N ALA B 245 6.37 -2.33 -33.99
CA ALA B 245 7.20 -1.24 -33.48
C ALA B 245 7.10 -1.13 -31.97
N PHE B 246 5.89 -1.27 -31.42
CA PHE B 246 5.74 -1.19 -29.98
C PHE B 246 6.38 -2.39 -29.28
N PHE B 247 6.10 -3.60 -29.76
CA PHE B 247 6.58 -4.79 -29.07
C PHE B 247 8.10 -4.89 -29.09
N SER B 248 8.71 -4.61 -30.24
CA SER B 248 10.14 -4.83 -30.40
C SER B 248 10.99 -3.63 -30.00
N VAL B 249 10.44 -2.42 -30.02
CA VAL B 249 11.25 -1.23 -29.77
C VAL B 249 10.80 -0.52 -28.50
N LEU B 250 9.60 0.07 -28.52
CA LEU B 250 9.18 0.93 -27.42
C LEU B 250 9.08 0.17 -26.10
N ARG B 251 8.51 -1.05 -26.13
CA ARG B 251 8.36 -1.82 -24.91
C ARG B 251 9.71 -2.11 -24.26
N ILE B 252 10.77 -2.25 -25.08
CA ILE B 252 12.09 -2.57 -24.55
C ILE B 252 12.61 -1.43 -23.67
N TYR B 253 12.42 -0.19 -24.12
CA TYR B 253 12.96 0.95 -23.40
C TYR B 253 12.16 1.31 -22.16
N LEU B 254 10.89 0.93 -22.09
CA LEU B 254 10.08 1.18 -20.90
C LEU B 254 10.28 0.11 -19.83
N SER B 255 10.99 -0.97 -20.15
CA SER B 255 11.18 -2.05 -19.20
C SER B 255 12.08 -1.60 -18.05
N GLY B 256 11.80 -2.12 -16.86
CA GLY B 256 12.56 -1.84 -15.67
C GLY B 256 13.50 -2.97 -15.30
N TRP B 257 13.96 -2.96 -14.05
CA TRP B 257 14.86 -3.97 -13.53
C TRP B 257 14.36 -4.45 -12.16
N LYS B 258 13.16 -5.03 -12.17
CA LYS B 258 12.60 -5.69 -10.99
C LYS B 258 12.05 -7.05 -11.45
N GLY B 259 12.68 -8.12 -10.97
CA GLY B 259 12.36 -9.43 -11.50
C GLY B 259 12.71 -9.60 -12.96
N ASN B 260 13.57 -8.73 -13.50
CA ASN B 260 13.97 -8.80 -14.90
C ASN B 260 15.20 -9.69 -15.01
N PRO B 261 15.16 -10.78 -15.77
CA PRO B 261 16.34 -11.65 -15.88
C PRO B 261 17.56 -10.95 -16.44
N GLN B 262 17.39 -9.90 -17.24
CA GLN B 262 18.53 -9.19 -17.80
C GLN B 262 19.31 -8.42 -16.75
N LEU B 263 18.67 -8.05 -15.63
CA LEU B 263 19.33 -7.45 -14.47
C LEU B 263 18.70 -8.08 -13.23
N SER B 264 19.08 -9.34 -12.95
CA SER B 264 18.44 -10.11 -11.89
C SER B 264 18.54 -9.43 -10.54
N ASP B 265 19.61 -8.67 -10.30
CA ASP B 265 19.82 -7.97 -9.05
C ASP B 265 19.51 -6.49 -9.12
N GLY B 266 19.03 -6.00 -10.26
CA GLY B 266 18.72 -4.59 -10.41
C GLY B 266 19.85 -3.81 -11.05
N LEU B 267 19.81 -2.50 -10.83
CA LEU B 267 20.77 -1.57 -11.39
C LEU B 267 21.57 -0.91 -10.28
N VAL B 268 22.88 -0.77 -10.47
CA VAL B 268 23.75 -0.10 -9.51
C VAL B 268 23.71 1.39 -9.81
N TYR B 269 23.25 2.17 -8.83
CA TYR B 269 23.29 3.64 -8.91
C TYR B 269 24.61 4.08 -8.30
N GLU B 270 25.66 4.04 -9.13
CA GLU B 270 27.03 4.24 -8.68
C GLU B 270 27.19 5.53 -7.90
N GLY B 271 27.72 5.41 -6.69
CA GLY B 271 27.92 6.56 -5.82
C GLY B 271 26.72 6.97 -5.01
N PHE B 272 25.62 6.21 -5.04
CA PHE B 272 24.46 6.51 -4.22
C PHE B 272 24.11 5.36 -3.29
N TRP B 273 23.82 4.18 -3.83
CA TRP B 273 23.72 2.95 -3.05
C TRP B 273 24.87 2.03 -3.45
N GLU B 274 25.53 1.45 -2.45
CA GLU B 274 26.58 0.48 -2.72
C GLU B 274 26.03 -0.70 -3.51
N ASP B 275 24.92 -1.26 -3.06
CA ASP B 275 24.30 -2.41 -3.70
C ASP B 275 23.38 -1.98 -4.84
N PRO B 276 23.08 -2.88 -5.77
CA PRO B 276 22.07 -2.56 -6.79
C PRO B 276 20.68 -2.57 -6.21
N LYS B 277 19.76 -1.91 -6.93
CA LYS B 277 18.37 -1.79 -6.48
C LYS B 277 17.44 -2.18 -7.61
N GLU B 278 16.37 -2.91 -7.26
CA GLU B 278 15.36 -3.34 -8.21
C GLU B 278 14.22 -2.34 -8.24
N PHE B 279 13.81 -1.97 -9.45
CA PHE B 279 12.71 -1.02 -9.63
C PHE B 279 11.92 -1.40 -10.87
N ALA B 280 10.60 -1.42 -10.75
CA ALA B 280 9.74 -1.89 -11.83
C ALA B 280 9.72 -0.87 -12.97
N GLY B 281 9.32 -1.36 -14.16
CA GLY B 281 9.21 -0.52 -15.33
C GLY B 281 7.92 0.28 -15.34
N GLY B 282 7.84 1.18 -16.32
CA GLY B 282 6.70 2.08 -16.39
C GLY B 282 5.41 1.34 -16.65
N SER B 283 4.33 1.90 -16.11
CA SER B 283 3.04 1.24 -16.19
C SER B 283 1.93 2.26 -15.97
N ALA B 284 0.82 2.09 -16.70
CA ALA B 284 -0.33 2.97 -16.51
C ALA B 284 -0.99 2.77 -15.16
N GLY B 285 -0.76 1.63 -14.51
CA GLY B 285 -1.17 1.48 -13.12
C GLY B 285 -0.49 2.44 -12.17
N GLN B 286 0.51 3.18 -12.66
CA GLN B 286 1.18 4.23 -11.89
C GLN B 286 0.46 5.57 -12.02
N SER B 287 -0.70 5.60 -12.67
CA SER B 287 -1.54 6.79 -12.70
C SER B 287 -2.69 6.60 -11.72
N SER B 288 -2.88 7.59 -10.85
CA SER B 288 -3.98 7.52 -9.89
C SER B 288 -5.34 7.63 -10.56
N VAL B 289 -5.40 8.30 -11.73
CA VAL B 289 -6.66 8.39 -12.46
C VAL B 289 -7.20 7.02 -12.80
N PHE B 290 -6.30 6.10 -13.15
CA PHE B 290 -6.69 4.76 -13.59
C PHE B 290 -6.94 3.79 -12.45
N GLN B 291 -6.63 4.17 -11.21
CA GLN B 291 -7.01 3.40 -10.04
C GLN B 291 -8.11 4.05 -9.21
N CYS B 292 -8.37 5.35 -9.40
CA CYS B 292 -9.28 6.07 -8.50
C CYS B 292 -10.73 5.64 -8.67
N PHE B 293 -11.11 5.17 -9.85
CA PHE B 293 -12.50 4.79 -10.07
C PHE B 293 -12.82 3.45 -9.42
N ASP B 294 -11.84 2.54 -9.33
CA ASP B 294 -12.03 1.34 -8.52
C ASP B 294 -12.23 1.70 -7.06
N VAL B 295 -11.41 2.61 -6.55
CA VAL B 295 -11.53 3.07 -5.16
C VAL B 295 -12.89 3.71 -4.92
N LEU B 296 -13.23 4.70 -5.75
CA LEU B 296 -14.47 5.45 -5.58
C LEU B 296 -15.69 4.53 -5.58
N LEU B 297 -15.67 3.49 -6.42
CA LEU B 297 -16.82 2.61 -6.57
C LEU B 297 -16.79 1.41 -5.62
N GLY B 298 -15.73 1.23 -4.86
CA GLY B 298 -15.64 0.10 -3.96
C GLY B 298 -15.16 -1.18 -4.58
N ILE B 299 -14.59 -1.13 -5.78
CA ILE B 299 -13.92 -2.28 -6.35
C ILE B 299 -12.59 -2.46 -5.62
N GLN B 300 -12.52 -3.47 -4.74
CA GLN B 300 -11.34 -3.69 -3.93
C GLN B 300 -10.29 -4.43 -4.76
N GLN B 301 -9.65 -3.67 -5.65
CA GLN B 301 -8.64 -4.24 -6.54
C GLN B 301 -7.37 -4.60 -5.78
N THR B 302 -6.99 -3.79 -4.79
CA THR B 302 -5.80 -4.06 -4.01
C THR B 302 -6.06 -5.03 -2.86
N ALA B 303 -7.30 -5.48 -2.68
CA ALA B 303 -7.62 -6.42 -1.62
C ALA B 303 -7.25 -7.85 -2.03
N GLY B 304 -6.98 -8.68 -1.03
CA GLY B 304 -6.47 -10.01 -1.27
C GLY B 304 -4.96 -10.03 -1.38
N GLY B 305 -4.42 -11.23 -1.58
CA GLY B 305 -3.00 -11.40 -1.75
C GLY B 305 -2.53 -11.75 -3.15
N GLY B 306 -3.41 -11.70 -4.13
CA GLY B 306 -3.06 -12.13 -5.48
C GLY B 306 -2.02 -11.23 -6.13
N HIS B 307 -1.56 -11.70 -7.29
CA HIS B 307 -0.55 -10.96 -8.04
C HIS B 307 -1.07 -9.58 -8.45
N ALA B 308 -2.32 -9.51 -8.91
CA ALA B 308 -2.86 -8.24 -9.39
C ALA B 308 -3.01 -7.23 -8.27
N ALA B 309 -3.55 -7.67 -7.12
CA ALA B 309 -3.69 -6.77 -5.98
C ALA B 309 -2.34 -6.27 -5.50
N GLN B 310 -1.33 -7.14 -5.50
CA GLN B 310 0.00 -6.74 -5.05
C GLN B 310 0.64 -5.78 -6.06
N PHE B 311 0.45 -6.03 -7.35
CA PHE B 311 1.03 -5.17 -8.37
C PHE B 311 0.47 -3.75 -8.28
N LEU B 312 -0.85 -3.63 -8.18
CA LEU B 312 -1.49 -2.31 -8.19
C LEU B 312 -1.13 -1.51 -6.94
N GLN B 313 -1.06 -2.19 -5.78
CA GLN B 313 -0.64 -1.48 -4.56
C GLN B 313 0.81 -1.03 -4.66
N ASP B 314 1.69 -1.90 -5.20
CA ASP B 314 3.09 -1.51 -5.33
C ASP B 314 3.27 -0.35 -6.29
N MET B 315 2.48 -0.31 -7.36
CA MET B 315 2.59 0.77 -8.34
C MET B 315 2.20 2.12 -7.75
N ARG B 316 1.51 2.13 -6.59
CA ARG B 316 1.18 3.40 -5.95
C ARG B 316 2.43 4.09 -5.40
N ARG B 317 3.46 3.31 -5.05
CA ARG B 317 4.73 3.90 -4.66
C ARG B 317 5.44 4.57 -5.83
N TYR B 318 5.02 4.32 -7.05
CA TYR B 318 5.58 4.94 -8.24
C TYR B 318 4.79 6.16 -8.70
N MET B 319 3.85 6.65 -7.87
CA MET B 319 3.05 7.82 -8.17
C MET B 319 3.61 9.05 -7.46
N PRO B 320 3.39 10.24 -8.02
CA PRO B 320 3.68 11.46 -7.27
C PRO B 320 2.94 11.48 -5.98
N PRO B 321 3.49 12.08 -4.92
CA PRO B 321 2.86 11.99 -3.60
C PRO B 321 1.45 12.56 -3.55
N ALA B 322 1.20 13.63 -4.32
CA ALA B 322 -0.14 14.19 -4.37
C ALA B 322 -1.15 13.19 -4.93
N HIS B 323 -0.71 12.33 -5.85
CA HIS B 323 -1.62 11.39 -6.48
C HIS B 323 -1.99 10.25 -5.52
N ARG B 324 -1.02 9.72 -4.78
CA ARG B 324 -1.35 8.67 -3.81
C ARG B 324 -1.99 9.23 -2.55
N ASN B 325 -1.77 10.51 -2.24
CA ASN B 325 -2.58 11.17 -1.23
C ASN B 325 -4.04 11.21 -1.66
N PHE B 326 -4.29 11.54 -2.93
CA PHE B 326 -5.64 11.59 -3.46
C PHE B 326 -6.34 10.24 -3.36
N LEU B 327 -5.64 9.17 -3.76
CA LEU B 327 -6.19 7.83 -3.61
C LEU B 327 -6.48 7.51 -2.15
N CYS B 328 -5.56 7.86 -1.26
CA CYS B 328 -5.79 7.66 0.17
C CYS B 328 -7.02 8.42 0.65
N SER B 329 -7.21 9.64 0.13
CA SER B 329 -8.36 10.45 0.54
C SER B 329 -9.66 9.80 0.11
N LEU B 330 -9.72 9.31 -1.12
CA LEU B 330 -10.91 8.61 -1.61
C LEU B 330 -11.23 7.40 -0.74
N GLU B 331 -10.21 6.60 -0.43
CA GLU B 331 -10.41 5.42 0.41
C GLU B 331 -10.89 5.77 1.81
N SER B 332 -10.66 6.99 2.26
CA SER B 332 -11.07 7.42 3.60
C SER B 332 -12.46 8.04 3.63
N ASN B 333 -13.25 7.86 2.57
CA ASN B 333 -14.61 8.37 2.50
C ASN B 333 -15.61 7.25 2.65
N PRO B 334 -16.84 7.54 3.09
CA PRO B 334 -17.87 6.50 3.16
C PRO B 334 -18.13 5.87 1.79
N SER B 335 -18.53 4.60 1.81
CA SER B 335 -18.61 3.81 0.59
C SER B 335 -19.81 4.24 -0.25
N VAL B 336 -19.55 4.68 -1.48
CA VAL B 336 -20.62 4.95 -2.42
C VAL B 336 -21.40 3.68 -2.71
N ARG B 337 -20.70 2.55 -2.80
CA ARG B 337 -21.35 1.28 -3.09
C ARG B 337 -22.30 0.87 -1.96
N GLU B 338 -21.85 0.99 -0.71
CA GLU B 338 -22.72 0.67 0.42
C GLU B 338 -23.91 1.61 0.48
N PHE B 339 -23.70 2.89 0.16
CA PHE B 339 -24.80 3.84 0.14
C PHE B 339 -25.86 3.43 -0.86
N VAL B 340 -25.46 3.15 -2.10
CA VAL B 340 -26.42 2.82 -3.15
C VAL B 340 -27.14 1.52 -2.83
N LEU B 341 -26.42 0.52 -2.33
CA LEU B 341 -27.01 -0.77 -2.02
C LEU B 341 -28.09 -0.69 -0.95
N SER B 342 -28.04 0.32 -0.08
CA SER B 342 -28.90 0.39 1.09
C SER B 342 -30.15 1.24 0.87
N LYS B 343 -30.49 1.58 -0.37
CA LYS B 343 -31.55 2.53 -0.63
C LYS B 343 -32.75 1.97 -1.39
N GLY B 344 -32.66 0.76 -1.93
CA GLY B 344 -33.77 0.20 -2.70
C GLY B 344 -34.17 1.07 -3.87
N ASP B 345 -33.21 1.71 -4.52
CA ASP B 345 -33.44 2.71 -5.55
C ASP B 345 -32.88 2.14 -6.86
N ALA B 346 -33.77 1.71 -7.76
CA ALA B 346 -33.31 1.13 -9.01
C ALA B 346 -32.58 2.14 -9.87
N GLY B 347 -32.94 3.42 -9.77
CA GLY B 347 -32.25 4.44 -10.54
C GLY B 347 -30.81 4.62 -10.10
N LEU B 348 -30.60 4.66 -8.78
CA LEU B 348 -29.23 4.80 -8.25
C LEU B 348 -28.38 3.59 -8.60
N ARG B 349 -28.95 2.39 -8.50
CA ARG B 349 -28.20 1.17 -8.82
C ARG B 349 -27.76 1.16 -10.27
N GLU B 350 -28.65 1.55 -11.19
CA GLU B 350 -28.30 1.55 -12.61
C GLU B 350 -27.27 2.62 -12.95
N ALA B 351 -27.32 3.77 -12.28
CA ALA B 351 -26.27 4.76 -12.47
C ALA B 351 -24.93 4.26 -11.96
N TYR B 352 -24.94 3.58 -10.81
CA TYR B 352 -23.72 2.96 -10.29
C TYR B 352 -23.22 1.88 -11.24
N ASP B 353 -24.11 0.99 -11.67
CA ASP B 353 -23.72 -0.06 -12.61
C ASP B 353 -23.17 0.51 -13.91
N ALA B 354 -23.69 1.65 -14.35
CA ALA B 354 -23.18 2.27 -15.57
C ALA B 354 -21.71 2.66 -15.41
N CYS B 355 -21.32 3.11 -14.23
CA CYS B 355 -19.91 3.39 -13.98
C CYS B 355 -19.09 2.11 -13.97
N VAL B 356 -19.63 1.04 -13.38
CA VAL B 356 -18.91 -0.24 -13.36
C VAL B 356 -18.83 -0.83 -14.75
N LYS B 357 -19.91 -0.72 -15.53
CA LYS B 357 -19.91 -1.22 -16.90
C LYS B 357 -18.84 -0.51 -17.74
N ALA B 358 -18.69 0.79 -17.55
CA ALA B 358 -17.70 1.54 -18.33
C ALA B 358 -16.28 1.06 -18.02
N LEU B 359 -16.00 0.73 -16.76
CA LEU B 359 -14.70 0.19 -16.40
C LEU B 359 -14.49 -1.19 -17.02
N VAL B 360 -15.51 -2.04 -17.00
CA VAL B 360 -15.42 -3.34 -17.64
C VAL B 360 -15.15 -3.17 -19.14
N SER B 361 -15.86 -2.23 -19.77
CA SER B 361 -15.67 -1.98 -21.21
C SER B 361 -14.25 -1.55 -21.50
N LEU B 362 -13.71 -0.63 -20.70
CA LEU B 362 -12.34 -0.17 -20.88
C LEU B 362 -11.35 -1.32 -20.78
N ARG B 363 -11.53 -2.18 -19.76
CA ARG B 363 -10.59 -3.27 -19.55
C ARG B 363 -10.76 -4.38 -20.57
N SER B 364 -11.98 -4.60 -21.07
CA SER B 364 -12.18 -5.58 -22.13
C SER B 364 -11.53 -5.12 -23.43
N TYR B 365 -11.79 -3.87 -23.82
CA TYR B 365 -11.11 -3.30 -24.99
C TYR B 365 -9.60 -3.35 -24.80
N HIS B 366 -9.15 -3.18 -23.56
CA HIS B 366 -7.71 -3.19 -23.28
C HIS B 366 -7.12 -4.57 -23.51
N LEU B 367 -7.86 -5.62 -23.17
CA LEU B 367 -7.40 -6.99 -23.44
C LEU B 367 -7.22 -7.23 -24.93
N GLN B 368 -8.12 -6.68 -25.75
CA GLN B 368 -7.98 -6.80 -27.20
C GLN B 368 -6.73 -6.08 -27.69
N ILE B 369 -6.41 -4.94 -27.08
CA ILE B 369 -5.20 -4.21 -27.44
C ILE B 369 -3.96 -5.05 -27.13
N VAL B 370 -3.94 -5.67 -25.95
CA VAL B 370 -2.79 -6.47 -25.54
C VAL B 370 -2.60 -7.66 -26.47
N THR B 371 -3.71 -8.28 -26.91
CA THR B 371 -3.62 -9.37 -27.87
C THR B 371 -2.93 -8.91 -29.15
N LYS B 372 -3.33 -7.75 -29.66
CA LYS B 372 -2.79 -7.26 -30.93
C LYS B 372 -1.39 -6.70 -30.80
N TYR B 373 -1.04 -6.07 -29.67
CA TYR B 373 0.22 -5.36 -29.54
C TYR B 373 1.29 -6.10 -28.77
N ILE B 374 0.94 -7.15 -28.04
CA ILE B 374 1.89 -7.99 -27.33
C ILE B 374 1.81 -9.44 -27.79
N LEU B 375 0.63 -10.06 -27.70
CA LEU B 375 0.52 -11.51 -27.88
C LEU B 375 0.85 -11.93 -29.30
N ILE B 376 0.25 -11.29 -30.30
CA ILE B 376 0.48 -11.67 -31.69
C ILE B 376 1.89 -11.33 -32.12
N PRO B 377 2.43 -10.13 -31.83
CA PRO B 377 3.85 -9.90 -32.16
C PRO B 377 4.81 -10.86 -31.48
N ALA B 378 4.54 -11.21 -30.22
CA ALA B 378 5.43 -12.14 -29.52
C ALA B 378 5.47 -13.50 -30.20
N SER B 379 4.37 -13.91 -30.83
CA SER B 379 4.32 -15.20 -31.52
C SER B 379 5.06 -15.19 -32.85
N GLN B 380 5.81 -14.13 -33.16
CA GLN B 380 6.52 -14.02 -34.42
C GLN B 380 8.00 -13.71 -34.23
N GLN B 381 8.52 -13.80 -33.00
CA GLN B 381 9.93 -13.57 -32.75
C GLN B 381 10.78 -14.65 -33.42
N GLY B 400 4.40 -19.43 -20.38
CA GLY B 400 4.84 -18.17 -20.94
C GLY B 400 3.98 -16.98 -20.52
N GLY B 401 3.82 -16.03 -21.43
CA GLY B 401 3.08 -14.82 -21.15
C GLY B 401 1.59 -14.97 -21.23
N THR B 402 1.09 -16.17 -20.92
CA THR B 402 -0.35 -16.36 -20.73
C THR B 402 -0.78 -15.97 -19.32
N ASP B 403 0.13 -16.01 -18.35
CA ASP B 403 -0.12 -15.36 -17.07
C ASP B 403 -0.51 -13.91 -17.25
N LEU B 404 0.02 -13.26 -18.29
CA LEU B 404 -0.28 -11.86 -18.56
C LEU B 404 -1.78 -11.64 -18.74
N MET B 405 -2.41 -12.41 -19.63
CA MET B 405 -3.83 -12.23 -19.86
C MET B 405 -4.64 -12.58 -18.62
N ASN B 406 -4.23 -13.63 -17.90
CA ASN B 406 -4.92 -13.99 -16.66
C ASN B 406 -4.80 -12.88 -15.63
N PHE B 407 -3.64 -12.23 -15.55
CA PHE B 407 -3.50 -11.07 -14.67
C PHE B 407 -4.56 -10.01 -14.97
N LEU B 408 -4.61 -9.57 -16.23
CA LEU B 408 -5.57 -8.55 -16.63
C LEU B 408 -7.00 -9.05 -16.45
N LYS B 409 -7.23 -10.36 -16.67
CA LYS B 409 -8.58 -10.89 -16.57
C LYS B 409 -9.06 -10.96 -15.14
N THR B 410 -8.17 -11.16 -14.17
CA THR B 410 -8.59 -11.08 -12.77
C THR B 410 -9.00 -9.68 -12.39
N VAL B 411 -8.35 -8.66 -12.97
CA VAL B 411 -8.72 -7.28 -12.68
C VAL B 411 -10.07 -6.97 -13.31
N ARG B 412 -10.29 -7.42 -14.56
CA ARG B 412 -11.59 -7.22 -15.18
C ARG B 412 -12.68 -7.97 -14.45
N SER B 413 -12.40 -9.21 -14.04
CA SER B 413 -13.39 -10.01 -13.33
C SER B 413 -13.80 -9.36 -12.02
N THR B 414 -12.83 -8.79 -11.28
CA THR B 414 -13.16 -8.10 -10.04
C THR B 414 -14.08 -6.92 -10.31
N THR B 415 -13.92 -6.26 -11.46
CA THR B 415 -14.81 -5.17 -11.83
C THR B 415 -16.21 -5.68 -12.13
N GLU B 416 -16.31 -6.75 -12.94
CA GLU B 416 -17.61 -7.31 -13.27
C GLU B 416 -18.37 -7.75 -12.02
N LYS B 417 -17.65 -8.31 -11.03
CA LYS B 417 -18.30 -8.86 -9.84
C LYS B 417 -18.91 -7.80 -8.94
N SER B 418 -18.70 -6.51 -9.24
CA SER B 418 -19.24 -5.43 -8.43
C SER B 418 -20.55 -4.86 -8.98
N LEU B 419 -21.01 -5.35 -10.13
CA LEU B 419 -22.30 -4.94 -10.65
C LEU B 419 -23.41 -5.29 -9.66
N LEU B 420 -24.31 -4.35 -9.43
CA LEU B 420 -25.35 -4.55 -8.42
C LEU B 420 -26.45 -5.48 -8.91
N LYS B 421 -26.85 -5.35 -10.17
CA LYS B 421 -27.88 -6.21 -10.74
C LYS B 421 -27.48 -6.72 -12.11
CHA HEM C . 8.60 -6.99 15.11
CHB HEM C . 9.02 -10.87 17.99
CHC HEM C . 6.91 -8.55 21.64
CHD HEM C . 6.15 -4.78 18.69
C1A HEM C . 8.94 -8.23 15.58
C2A HEM C . 9.71 -9.23 14.87
C3A HEM C . 9.81 -10.29 15.68
C4A HEM C . 9.12 -10.01 16.92
CMA HEM C . 10.52 -11.61 15.38
CAA HEM C . 10.30 -9.12 13.45
CBA HEM C . 9.20 -9.12 12.39
CGA HEM C . 8.60 -10.49 12.30
O1A HEM C . 7.42 -10.66 12.70
O2A HEM C . 9.29 -11.42 11.82
C1B HEM C . 8.54 -10.57 19.23
C2B HEM C . 8.58 -11.44 20.39
C3B HEM C . 8.01 -10.80 21.43
C4B HEM C . 7.56 -9.51 20.92
CMB HEM C . 9.25 -12.83 20.35
CAB HEM C . 7.78 -11.27 22.89
CBB HEM C . 7.76 -12.54 23.29
C1C HEM C . 6.42 -7.37 21.13
C2C HEM C . 5.45 -6.51 21.76
C3C HEM C . 5.23 -5.46 20.95
C4C HEM C . 6.06 -5.64 19.78
CMC HEM C . 4.83 -6.83 23.14
CAC HEM C . 4.28 -4.23 21.13
CBC HEM C . 3.46 -4.01 22.18
C1D HEM C . 6.73 -5.06 17.48
C2D HEM C . 6.72 -4.20 16.30
C3D HEM C . 7.39 -4.78 15.32
C4D HEM C . 7.87 -6.06 15.81
CMD HEM C . 6.04 -2.81 16.21
CAD HEM C . 7.62 -4.21 13.91
CBD HEM C . 9.04 -3.68 13.83
CGD HEM C . 9.09 -2.29 14.41
O1D HEM C . 10.07 -1.96 15.12
O2D HEM C . 8.13 -1.50 14.16
NA HEM C . 8.60 -8.73 16.82
NB HEM C . 7.90 -9.41 19.59
NC HEM C . 6.78 -6.81 19.91
ND HEM C . 7.44 -6.19 17.13
FE HEM C . 7.47 -7.88 18.27
C1 RCN D . -0.31 -10.54 18.63
C2 RCN D . 0.36 -9.76 19.55
C3 RCN D . 1.68 -9.40 19.34
C4 RCN D . 2.33 -9.87 18.21
C5 RCN D . 1.66 -10.64 17.29
C6 RCN D . 0.35 -10.98 17.50
C7 RCN D . 3.78 -9.53 17.89
C8 RCN D . 4.68 -8.75 18.60
N10 RCN D . 5.65 -9.46 16.77
N11 RCN D . 4.39 -9.94 16.82
N12 RCN D . 2.34 -8.58 20.34
N9 RCN D . 5.81 -8.72 17.90
CL1 RCN D . -0.53 -11.99 16.33
C1 RCN E . 5.30 2.56 19.07
C1 RCN E . 8.20 -2.62 20.26
C2 RCN E . 6.03 2.19 17.96
C2 RCN E . 7.28 -1.90 20.99
C3 RCN E . 6.79 1.04 17.98
C3 RCN E . 6.73 -0.75 20.46
C4 RCN E . 6.82 0.25 19.12
C4 RCN E . 7.10 -0.32 19.19
C5 RCN E . 6.10 0.62 20.24
C5 RCN E . 8.01 -1.05 18.46
C6 RCN E . 5.35 1.77 20.21
C6 RCN E . 8.56 -2.20 19.00
C7 RCN E . 7.65 -1.04 19.20
C7 RCN E . 6.53 0.93 18.54
C8 RCN E . 7.60 -1.97 20.23
C8 RCN E . 6.87 1.37 17.27
N10 RCN E . 9.07 -2.62 18.75
N10 RCN E . 5.45 2.76 18.15
N11 RCN E . 8.55 -1.45 18.34
N11 RCN E . 5.69 1.79 19.04
N12 RCN E . 7.55 0.67 16.80
N12 RCN E . 5.77 0.00 21.24
N9 RCN E . 8.47 -2.95 19.93
N9 RCN E . 6.20 2.49 17.04
CL1 RCN E . 4.40 2.25 21.64
CL1 RCN E . 9.74 -3.13 18.04
CHA HEM F . -2.11 -3.02 -17.60
CHB HEM F . -0.11 -3.66 -21.98
CHC HEM F . -2.13 0.41 -23.60
CHD HEM F . -3.97 1.21 -19.19
C1A HEM F . -1.35 -3.55 -18.64
C2A HEM F . -0.49 -4.72 -18.59
C3A HEM F . 0.04 -4.87 -19.81
C4A HEM F . -0.45 -3.82 -20.66
CMA HEM F . 1.03 -5.95 -20.29
CAA HEM F . -0.23 -5.65 -17.38
CBA HEM F . 0.57 -4.95 -16.29
CGA HEM F . 2.03 -4.96 -16.67
O1A HEM F . 2.64 -3.86 -16.69
O2A HEM F . 2.57 -6.05 -16.97
C1B HEM F . -0.52 -2.65 -22.80
C2B HEM F . -0.25 -2.54 -24.23
C3B HEM F . -0.82 -1.42 -24.68
C4B HEM F . -1.44 -0.78 -23.55
CMB HEM F . 0.53 -3.60 -25.02
CAB HEM F . -0.84 -0.79 -26.10
CBB HEM F . -0.02 -1.15 -27.08
C1C HEM F . -2.75 1.01 -22.54
C2C HEM F . -3.31 2.33 -22.55
C3C HEM F . -3.83 2.57 -21.35
C4C HEM F . -3.61 1.40 -20.51
CMC HEM F . -3.32 3.29 -23.76
CAC HEM F . -4.53 3.90 -20.99
CBC HEM F . -5.29 4.02 -19.90
C1D HEM F . -3.61 0.15 -18.37
C2D HEM F . -3.91 0.02 -16.95
C3D HEM F . -3.40 -1.14 -16.52
C4D HEM F . -2.76 -1.80 -17.64
CMD HEM F . -4.68 1.05 -16.10
CAD HEM F . -3.50 -1.66 -15.07
CBD HEM F . -4.41 -2.88 -15.03
CGD HEM F . -5.82 -2.44 -14.72
O1D HEM F . -6.76 -3.10 -15.24
O2D HEM F . -6.00 -1.44 -13.99
NA HEM F . -1.29 -3.02 -19.91
NB HEM F . -1.25 -1.54 -22.41
NC HEM F . -2.94 0.46 -21.28
ND HEM F . -2.91 -0.99 -18.75
FE HEM F . -1.88 -1.12 -20.52
C1 RCN G . 3.33 4.96 -20.42
C2 RCN G . 2.04 4.89 -20.91
C3 RCN G . 1.29 3.74 -20.75
C4 RCN G . 1.84 2.67 -20.09
C5 RCN G . 3.13 2.73 -19.60
C6 RCN G . 3.87 3.88 -19.76
C7 RCN G . 1.07 1.38 -19.89
C8 RCN G . 0.08 0.85 -20.67
N10 RCN G . 0.44 -0.52 -18.99
N11 RCN G . 1.27 0.54 -18.91
N12 RCN G . -0.06 3.71 -21.28
N9 RCN G . -0.30 -0.31 -20.12
CL1 RCN G . 5.53 3.97 -19.13
C1 RCN H . -9.84 4.27 -15.89
C1 RCN H . -7.05 0.00 -19.77
C2 RCN H . -9.46 3.16 -15.18
C2 RCN H . -7.48 1.26 -20.10
C3 RCN H . -8.84 2.10 -15.83
C3 RCN H . -8.06 2.05 -19.12
C4 RCN H . -8.62 2.16 -17.20
C4 RCN H . -8.21 1.59 -17.83
C5 RCN H . -9.00 3.28 -17.91
C5 RCN H . -7.78 0.31 -17.51
C6 RCN H . -9.61 4.33 -17.25
C6 RCN H . -7.20 -0.48 -18.47
C7 RCN H . -7.96 1.02 -17.97
C7 RCN H . -8.86 2.45 -16.75
C8 RCN H . -7.62 1.06 -19.32
C8 RCN H . -8.97 2.11 -15.41
N10 RCN H . -7.05 -0.89 -18.50
N10 RCN H . -9.87 4.07 -15.72
N11 RCN H . -7.60 -0.15 -17.52
N11 RCN H . -9.41 3.62 -16.89
N12 RCN H . -8.46 0.95 -15.05
N12 RCN H . -8.51 3.38 -19.49
N9 RCN H . -7.06 -0.12 -19.64
N9 RCN H . -9.59 3.11 -14.78
CL1 RCN H . -10.10 5.76 -18.18
CL1 RCN H . -6.63 -2.12 -18.09
#